data_7FTD
#
_entry.id   7FTD
#
_cell.length_a   80.120
_cell.length_b   49.370
_cell.length_c   115.540
_cell.angle_alpha   90.000
_cell.angle_beta   94.610
_cell.angle_gamma   90.000
#
_symmetry.space_group_name_H-M   'P 1 21 1'
#
loop_
_entity.id
_entity.type
_entity.pdbx_description
1 polymer Syntenin-1
2 non-polymer N-phenylcyclopropanecarboxamide
3 non-polymer 1,2-ETHANEDIOL
4 non-polymer 'D-GLUTAMIC ACID'
5 non-polymer GLYCINE
6 non-polymer 'SULFATE ION'
7 non-polymer ALANINE
8 water water
#
_entity_poly.entity_id   1
_entity_poly.type   'polypeptide(L)'
_entity_poly.pdbx_seq_one_letter_code
;SMAEIKQGIREVILCKDQDGKIGLRLKSIDNGIFVQLVQANSPASLVGLRFGDQVLQINGENCAGWSSDKAHKVLKQAFG
EKITMTIRDRPFERTITMHKDSTGHVGFIFKNGKITSIVKDSSAARNGLLTEHNICEINGQNVIGLKDSQIADILSTSGT
VVTITIMPAFIFEHIIKRMAPSIMKSLMDHTIPEV
;
_entity_poly.pdbx_strand_id   A,B,C,D
#
# COMPACT_ATOMS: atom_id res chain seq x y z
N ILE A 5 -25.76 -10.84 -5.35
CA ILE A 5 -24.49 -11.10 -4.61
C ILE A 5 -24.58 -12.49 -3.99
N LYS A 6 -23.90 -13.47 -4.62
CA LYS A 6 -23.88 -14.85 -4.14
C LYS A 6 -22.91 -14.97 -2.96
N GLN A 7 -23.27 -15.83 -1.99
CA GLN A 7 -22.36 -16.19 -0.92
C GLN A 7 -21.35 -17.18 -1.48
N GLY A 8 -20.14 -17.15 -0.91
CA GLY A 8 -19.16 -18.17 -1.19
C GLY A 8 -18.48 -18.00 -2.53
N ILE A 9 -17.30 -18.63 -2.60
CA ILE A 9 -16.36 -18.54 -3.70
C ILE A 9 -16.85 -19.41 -4.85
N ARG A 10 -16.46 -19.06 -6.09
CA ARG A 10 -16.66 -19.93 -7.24
C ARG A 10 -15.35 -19.95 -8.03
N GLU A 11 -15.29 -20.80 -9.05
CA GLU A 11 -14.10 -20.92 -9.86
C GLU A 11 -14.49 -20.76 -11.32
N VAL A 12 -13.64 -20.09 -12.10
CA VAL A 12 -13.87 -19.79 -13.51
C VAL A 12 -12.62 -20.18 -14.31
N ILE A 13 -12.86 -20.73 -15.50
CA ILE A 13 -11.78 -21.04 -16.42
C ILE A 13 -11.80 -20.03 -17.54
N LEU A 14 -10.69 -19.32 -17.71
CA LEU A 14 -10.53 -18.26 -18.67
C LEU A 14 -9.61 -18.75 -19.77
N CYS A 15 -9.67 -18.09 -20.93
CA CYS A 15 -8.84 -18.43 -22.07
C CYS A 15 -8.56 -17.19 -22.91
N LYS A 16 -7.28 -16.83 -23.08
CA LYS A 16 -6.95 -15.65 -23.85
C LYS A 16 -7.61 -15.74 -25.22
N ASP A 17 -8.01 -14.60 -25.77
CA ASP A 17 -8.54 -14.58 -27.13
C ASP A 17 -7.35 -14.62 -28.08
N GLN A 18 -7.65 -14.57 -29.39
CA GLN A 18 -6.65 -14.53 -30.43
C GLN A 18 -5.55 -13.52 -30.11
N ASP A 19 -5.93 -12.37 -29.51
CA ASP A 19 -4.99 -11.28 -29.33
C ASP A 19 -4.32 -11.34 -27.96
N GLY A 20 -4.38 -12.49 -27.28
CA GLY A 20 -3.76 -12.64 -25.98
C GLY A 20 -4.44 -11.83 -24.88
N LYS A 21 -5.69 -11.39 -25.13
CA LYS A 21 -6.44 -10.55 -24.21
C LYS A 21 -7.47 -11.38 -23.45
N ILE A 22 -7.89 -10.89 -22.28
CA ILE A 22 -8.99 -11.48 -21.54
C ILE A 22 -10.02 -10.43 -21.17
N GLY A 23 -9.68 -9.14 -21.29
CA GLY A 23 -10.64 -8.07 -21.10
C GLY A 23 -10.81 -7.71 -19.64
N LEU A 24 -9.69 -7.67 -18.93
CA LEU A 24 -9.77 -7.42 -17.51
C LEU A 24 -8.75 -6.37 -17.11
N ARG A 25 -9.15 -5.52 -16.17
CA ARG A 25 -8.22 -4.71 -15.39
C ARG A 25 -8.55 -4.93 -13.92
N LEU A 26 -7.50 -5.15 -13.12
CA LEU A 26 -7.62 -5.49 -11.71
C LEU A 26 -7.11 -4.31 -10.90
N LYS A 27 -7.63 -4.15 -9.68
CA LYS A 27 -7.20 -3.08 -8.78
C LYS A 27 -6.97 -3.66 -7.38
N SER A 28 -5.79 -3.35 -6.80
CA SER A 28 -5.48 -3.66 -5.41
C SER A 28 -6.28 -2.75 -4.47
N ILE A 29 -7.06 -3.40 -3.59
CA ILE A 29 -7.92 -2.75 -2.62
C ILE A 29 -7.76 -3.51 -1.30
N ASP A 30 -7.37 -2.80 -0.24
CA ASP A 30 -7.20 -3.38 1.09
C ASP A 30 -6.50 -4.73 1.03
N ASN A 31 -5.42 -4.86 0.24
CA ASN A 31 -4.60 -6.08 0.25
C ASN A 31 -5.27 -7.26 -0.46
N GLY A 32 -6.44 -7.05 -1.05
CA GLY A 32 -6.98 -8.02 -1.98
C GLY A 32 -6.86 -7.49 -3.40
N ILE A 33 -7.44 -8.23 -4.35
CA ILE A 33 -7.47 -7.81 -5.75
C ILE A 33 -8.91 -7.87 -6.27
N PHE A 34 -9.31 -6.80 -6.96
CA PHE A 34 -10.70 -6.59 -7.32
C PHE A 34 -10.82 -6.18 -8.79
N VAL A 35 -11.93 -6.59 -9.42
CA VAL A 35 -12.14 -6.33 -10.83
C VAL A 35 -12.55 -4.86 -10.97
N GLN A 36 -11.77 -4.11 -11.78
CA GLN A 36 -11.96 -2.68 -12.01
C GLN A 36 -12.74 -2.47 -13.31
N LEU A 37 -12.42 -3.28 -14.33
CA LEU A 37 -13.04 -3.20 -15.64
C LEU A 37 -13.19 -4.58 -16.25
N VAL A 38 -14.39 -4.86 -16.77
CA VAL A 38 -14.61 -6.00 -17.65
C VAL A 38 -14.90 -5.44 -19.04
N GLN A 39 -14.13 -5.90 -20.03
CA GLN A 39 -14.26 -5.43 -21.40
C GLN A 39 -15.42 -6.17 -22.05
N ALA A 40 -16.25 -5.44 -22.79
CA ALA A 40 -17.33 -6.03 -23.58
C ALA A 40 -16.74 -7.04 -24.56
N ASN A 41 -17.43 -8.17 -24.74
CA ASN A 41 -17.05 -9.20 -25.70
C ASN A 41 -15.64 -9.72 -25.44
N SER A 42 -15.37 -10.05 -24.19
CA SER A 42 -14.08 -10.59 -23.81
C SER A 42 -14.25 -11.97 -23.23
N PRO A 43 -13.15 -12.74 -23.08
CA PRO A 43 -13.14 -13.92 -22.21
C PRO A 43 -13.68 -13.66 -20.81
N ALA A 44 -13.34 -12.50 -20.22
CA ALA A 44 -13.73 -12.18 -18.86
C ALA A 44 -15.26 -12.00 -18.75
N SER A 45 -15.86 -11.33 -19.73
CA SER A 45 -17.30 -11.16 -19.78
C SER A 45 -18.01 -12.49 -20.10
N LEU A 46 -17.40 -13.33 -20.95
CA LEU A 46 -18.05 -14.58 -21.31
C LEU A 46 -18.16 -15.45 -20.07
N VAL A 47 -17.12 -15.48 -19.25
CA VAL A 47 -17.08 -16.39 -18.12
C VAL A 47 -17.83 -15.77 -16.96
N GLY A 48 -18.27 -14.51 -17.12
CA GLY A 48 -19.16 -13.92 -16.14
C GLY A 48 -18.46 -13.20 -14.99
N LEU A 49 -17.21 -12.75 -15.23
CA LEU A 49 -16.56 -11.81 -14.31
C LEU A 49 -17.28 -10.48 -14.34
N ARG A 50 -17.35 -9.85 -13.17
CA ARG A 50 -18.12 -8.64 -12.98
C ARG A 50 -17.33 -7.61 -12.17
N PHE A 51 -17.63 -6.35 -12.44
CA PHE A 51 -17.11 -5.27 -11.64
C PHE A 51 -17.37 -5.52 -10.16
N GLY A 52 -16.26 -5.47 -9.39
CA GLY A 52 -16.29 -5.55 -7.94
C GLY A 52 -15.98 -6.95 -7.41
N ASP A 53 -15.79 -7.92 -8.31
CA ASP A 53 -15.46 -9.28 -7.91
C ASP A 53 -14.07 -9.24 -7.29
N GLN A 54 -13.89 -10.02 -6.21
CA GLN A 54 -12.59 -10.29 -5.65
C GLN A 54 -12.00 -11.53 -6.30
N VAL A 55 -10.78 -11.40 -6.81
CA VAL A 55 -9.97 -12.53 -7.24
C VAL A 55 -9.11 -13.01 -6.09
N LEU A 56 -9.33 -14.25 -5.63
CA LEU A 56 -8.51 -14.86 -4.60
C LEU A 56 -7.25 -15.46 -5.22
N GLN A 57 -7.42 -16.24 -6.29
CA GLN A 57 -6.30 -16.97 -6.88
C GLN A 57 -6.30 -16.79 -8.38
N ILE A 58 -5.09 -16.88 -8.94
CA ILE A 58 -4.88 -17.05 -10.37
C ILE A 58 -3.92 -18.21 -10.57
N ASN A 59 -4.46 -19.30 -11.13
CA ASN A 59 -3.74 -20.53 -11.41
C ASN A 59 -3.31 -21.20 -10.11
N GLY A 60 -4.04 -20.92 -9.03
CA GLY A 60 -3.79 -21.55 -7.74
C GLY A 60 -2.86 -20.72 -6.86
N GLU A 61 -2.25 -19.67 -7.43
CA GLU A 61 -1.44 -18.75 -6.64
C GLU A 61 -2.36 -17.70 -5.99
N ASN A 62 -2.15 -17.45 -4.69
CA ASN A 62 -2.89 -16.46 -3.94
C ASN A 62 -2.56 -15.03 -4.35
N CYS A 63 -3.55 -14.15 -4.28
CA CYS A 63 -3.44 -12.81 -4.80
C CYS A 63 -3.07 -11.81 -3.71
N ALA A 64 -3.10 -12.25 -2.45
CA ALA A 64 -3.07 -11.33 -1.32
C ALA A 64 -1.83 -10.44 -1.38
N GLY A 65 -2.04 -9.12 -1.24
CA GLY A 65 -0.98 -8.14 -1.19
C GLY A 65 -0.27 -7.84 -2.52
N TRP A 66 -0.83 -8.24 -3.67
CA TRP A 66 -0.21 -7.94 -4.94
C TRP A 66 -0.50 -6.50 -5.36
N SER A 67 0.37 -5.93 -6.18
CA SER A 67 0.10 -4.68 -6.86
C SER A 67 -0.90 -4.98 -7.98
N SER A 68 -1.67 -3.97 -8.39
CA SER A 68 -2.33 -4.02 -9.67
C SER A 68 -1.33 -4.50 -10.74
N ASP A 69 -0.17 -3.82 -10.82
CA ASP A 69 0.87 -4.13 -11.79
C ASP A 69 1.25 -5.61 -11.73
N LYS A 70 1.30 -6.17 -10.50
CA LYS A 70 1.71 -7.56 -10.29
C LYS A 70 0.64 -8.50 -10.82
N ALA A 71 -0.64 -8.20 -10.55
CA ALA A 71 -1.74 -9.01 -11.02
C ALA A 71 -1.77 -9.03 -12.55
N HIS A 72 -1.64 -7.84 -13.17
CA HIS A 72 -1.58 -7.71 -14.63
C HIS A 72 -0.35 -8.38 -15.25
N LYS A 73 0.77 -8.39 -14.51
CA LYS A 73 1.97 -9.08 -14.97
C LYS A 73 1.72 -10.59 -14.98
N VAL A 74 0.99 -11.10 -13.99
CA VAL A 74 0.76 -12.54 -13.90
C VAL A 74 -0.13 -12.97 -15.07
N LEU A 75 -1.23 -12.25 -15.26
CA LEU A 75 -2.19 -12.61 -16.29
C LEU A 75 -1.51 -12.67 -17.66
N LYS A 76 -0.49 -11.81 -17.85
CA LYS A 76 0.27 -11.78 -19.08
C LYS A 76 1.20 -13.00 -19.12
N GLN A 77 1.98 -13.20 -18.05
CA GLN A 77 2.99 -14.24 -18.03
C GLN A 77 2.40 -15.65 -18.11
N ALA A 78 1.11 -15.82 -17.79
CA ALA A 78 0.48 -17.13 -17.78
C ALA A 78 0.28 -17.64 -19.21
N PHE A 79 0.31 -18.97 -19.38
CA PHE A 79 0.01 -19.59 -20.66
C PHE A 79 -1.49 -19.46 -20.93
N GLY A 80 -1.85 -19.39 -22.21
CA GLY A 80 -3.20 -19.03 -22.60
C GLY A 80 -4.18 -20.18 -22.46
N GLU A 81 -3.65 -21.41 -22.38
CA GLU A 81 -4.45 -22.63 -22.45
C GLU A 81 -5.62 -22.57 -21.48
N LYS A 82 -5.29 -22.29 -20.22
CA LYS A 82 -6.25 -22.42 -19.13
C LYS A 82 -5.76 -21.54 -17.98
N ILE A 83 -6.50 -20.45 -17.74
CA ILE A 83 -6.32 -19.67 -16.53
C ILE A 83 -7.52 -19.92 -15.62
N THR A 84 -7.23 -20.45 -14.43
CA THR A 84 -8.22 -20.68 -13.41
C THR A 84 -8.17 -19.51 -12.44
N MET A 85 -9.33 -18.96 -12.08
CA MET A 85 -9.37 -17.91 -11.09
C MET A 85 -10.35 -18.30 -9.98
N THR A 86 -9.96 -17.94 -8.75
CA THR A 86 -10.87 -18.14 -7.63
C THR A 86 -11.43 -16.77 -7.23
N ILE A 87 -12.76 -16.71 -7.25
CA ILE A 87 -13.53 -15.47 -7.33
C ILE A 87 -14.56 -15.47 -6.21
N ARG A 88 -14.56 -14.41 -5.39
CA ARG A 88 -15.62 -14.12 -4.44
C ARG A 88 -16.49 -13.00 -5.03
N ASP A 89 -17.80 -13.23 -4.99
CA ASP A 89 -18.79 -12.43 -5.67
C ASP A 89 -18.91 -11.04 -5.05
N ARG A 90 -18.64 -10.04 -5.87
CA ARG A 90 -18.93 -8.65 -5.55
C ARG A 90 -19.08 -8.40 -4.06
N PRO A 91 -18.01 -8.58 -3.26
CA PRO A 91 -18.10 -8.52 -1.80
C PRO A 91 -18.38 -7.15 -1.19
N PHE A 92 -18.10 -6.08 -1.95
CA PHE A 92 -18.31 -4.73 -1.52
C PHE A 92 -19.69 -4.29 -1.98
N GLU A 93 -20.51 -5.18 -2.53
CA GLU A 93 -21.78 -4.70 -3.03
C GLU A 93 -22.95 -5.34 -2.31
N ARG A 94 -24.10 -4.67 -2.40
CA ARG A 94 -25.37 -5.24 -1.97
C ARG A 94 -26.43 -4.97 -3.04
N THR A 95 -27.35 -5.91 -3.15
CA THR A 95 -28.50 -5.81 -4.04
C THR A 95 -29.72 -5.54 -3.20
N ILE A 96 -30.57 -4.67 -3.73
CA ILE A 96 -31.81 -4.29 -3.08
C ILE A 96 -32.87 -4.44 -4.14
N THR A 97 -33.96 -5.11 -3.78
CA THR A 97 -35.12 -5.23 -4.66
C THR A 97 -36.19 -4.20 -4.26
N MET A 98 -36.72 -3.47 -5.26
CA MET A 98 -37.77 -2.51 -5.05
C MET A 98 -38.99 -2.80 -5.95
N HIS A 99 -40.13 -2.18 -5.65
CA HIS A 99 -41.28 -2.25 -6.56
C HIS A 99 -41.71 -0.83 -6.88
N LYS A 100 -42.05 -0.54 -8.15
CA LYS A 100 -42.52 0.78 -8.52
C LYS A 100 -43.98 0.93 -8.11
N ASP A 101 -44.35 2.15 -7.75
CA ASP A 101 -45.75 2.52 -7.56
C ASP A 101 -46.41 2.73 -8.93
N SER A 102 -47.67 3.19 -8.93
CA SER A 102 -48.44 3.38 -10.14
C SER A 102 -47.93 4.58 -10.95
N THR A 103 -47.20 5.49 -10.29
CA THR A 103 -46.61 6.63 -10.99
C THR A 103 -45.21 6.27 -11.47
N GLY A 104 -44.84 4.98 -11.35
CA GLY A 104 -43.61 4.44 -11.92
C GLY A 104 -42.36 4.95 -11.21
N HIS A 105 -42.46 5.13 -9.88
CA HIS A 105 -41.35 5.56 -9.05
C HIS A 105 -40.96 4.46 -8.05
N VAL A 106 -39.67 4.32 -7.74
CA VAL A 106 -39.21 3.46 -6.65
C VAL A 106 -38.74 4.31 -5.46
N GLY A 107 -38.39 5.57 -5.74
CA GLY A 107 -38.39 6.63 -4.75
C GLY A 107 -37.01 6.99 -4.24
N PHE A 108 -36.09 7.35 -5.16
CA PHE A 108 -34.85 7.99 -4.78
C PHE A 108 -34.36 8.93 -5.86
N ILE A 109 -33.36 9.74 -5.47
CA ILE A 109 -32.74 10.72 -6.31
C ILE A 109 -31.26 10.37 -6.35
N PHE A 110 -30.65 10.58 -7.51
CA PHE A 110 -29.26 10.25 -7.70
C PHE A 110 -28.62 11.27 -8.64
N LYS A 111 -27.29 11.35 -8.57
CA LYS A 111 -26.54 12.31 -9.34
C LYS A 111 -25.16 11.72 -9.60
N ASN A 112 -24.89 11.41 -10.87
CA ASN A 112 -23.61 10.83 -11.28
C ASN A 112 -23.45 9.42 -10.71
N GLY A 113 -24.53 8.66 -10.75
CA GLY A 113 -24.48 7.30 -10.25
C GLY A 113 -24.80 7.22 -8.75
N LYS A 114 -24.58 8.32 -8.02
CA LYS A 114 -24.59 8.29 -6.56
C LYS A 114 -25.96 8.67 -6.01
N ILE A 115 -26.54 7.75 -5.21
CA ILE A 115 -27.84 8.00 -4.61
C ILE A 115 -27.65 9.10 -3.56
N THR A 116 -28.62 10.04 -3.45
CA THR A 116 -28.48 11.23 -2.61
C THR A 116 -29.77 11.56 -1.86
N SER A 117 -30.90 10.93 -2.18
CA SER A 117 -32.08 11.14 -1.37
C SER A 117 -33.01 9.94 -1.44
N ILE A 118 -33.62 9.60 -0.30
CA ILE A 118 -34.64 8.57 -0.27
C ILE A 118 -35.97 9.28 -0.02
N VAL A 119 -37.04 8.86 -0.70
CA VAL A 119 -38.28 9.62 -0.71
C VAL A 119 -39.31 8.93 0.18
N LYS A 120 -40.05 9.75 0.93
CA LYS A 120 -40.87 9.23 2.01
C LYS A 120 -41.95 8.37 1.39
N ASP A 121 -42.35 7.33 2.12
CA ASP A 121 -43.40 6.40 1.71
C ASP A 121 -43.02 5.65 0.42
N SER A 122 -41.73 5.65 0.03
CA SER A 122 -41.35 4.98 -1.19
C SER A 122 -40.96 3.51 -0.92
N SER A 123 -40.70 2.77 -2.01
CA SER A 123 -40.22 1.40 -1.88
C SER A 123 -38.78 1.41 -1.41
N ALA A 124 -38.04 2.40 -1.94
CA ALA A 124 -36.65 2.62 -1.56
C ALA A 124 -36.52 2.85 -0.04
N ALA A 125 -37.48 3.58 0.51
CA ALA A 125 -37.58 3.83 1.94
C ALA A 125 -37.91 2.56 2.70
N ARG A 126 -39.00 1.90 2.28
CA ARG A 126 -39.43 0.66 2.89
C ARG A 126 -38.33 -0.38 2.85
N ASN A 127 -37.49 -0.33 1.80
CA ASN A 127 -36.45 -1.34 1.58
C ASN A 127 -35.12 -0.93 2.20
N GLY A 128 -34.99 0.30 2.70
CA GLY A 128 -33.80 0.71 3.42
C GLY A 128 -32.62 1.02 2.51
N LEU A 129 -32.94 1.63 1.37
CA LEU A 129 -31.92 2.07 0.45
C LEU A 129 -31.11 3.20 1.09
N LEU A 130 -29.82 3.22 0.80
CA LEU A 130 -28.96 4.19 1.43
C LEU A 130 -28.42 5.14 0.37
N THR A 131 -28.14 6.36 0.85
CA THR A 131 -27.46 7.37 0.08
C THR A 131 -25.97 7.13 0.20
N GLU A 132 -25.19 7.94 -0.51
CA GLU A 132 -23.73 7.83 -0.53
C GLU A 132 -23.36 6.42 -0.99
N HIS A 133 -24.18 5.85 -1.85
CA HIS A 133 -23.89 4.58 -2.50
C HIS A 133 -23.93 4.78 -4.02
N ASN A 134 -22.91 4.32 -4.73
CA ASN A 134 -22.95 4.34 -6.18
C ASN A 134 -23.71 3.14 -6.70
N ILE A 135 -24.53 3.38 -7.74
CA ILE A 135 -25.21 2.34 -8.50
C ILE A 135 -24.22 1.65 -9.46
N CYS A 136 -24.03 0.33 -9.26
CA CYS A 136 -23.14 -0.52 -10.06
C CYS A 136 -23.93 -1.26 -11.14
N GLU A 137 -25.11 -1.73 -10.77
CA GLU A 137 -25.85 -2.64 -11.62
C GLU A 137 -27.34 -2.32 -11.47
N ILE A 138 -28.07 -2.40 -12.58
CA ILE A 138 -29.53 -2.42 -12.54
C ILE A 138 -30.00 -3.70 -13.20
N ASN A 139 -30.81 -4.48 -12.49
CA ASN A 139 -31.40 -5.69 -13.05
C ASN A 139 -30.31 -6.45 -13.78
N GLY A 140 -29.24 -6.74 -13.06
CA GLY A 140 -28.20 -7.63 -13.51
C GLY A 140 -27.30 -7.04 -14.60
N GLN A 141 -27.53 -5.79 -14.97
CA GLN A 141 -26.77 -5.09 -16.00
C GLN A 141 -25.93 -3.97 -15.40
N ASN A 142 -24.64 -4.04 -15.68
CA ASN A 142 -23.71 -3.01 -15.27
C ASN A 142 -24.09 -1.70 -15.94
N VAL A 143 -24.06 -0.58 -15.18
CA VAL A 143 -24.50 0.71 -15.65
C VAL A 143 -23.50 1.78 -15.27
N ILE A 144 -22.30 1.34 -14.92
CA ILE A 144 -21.24 2.24 -14.54
C ILE A 144 -20.70 2.99 -15.75
N GLY A 145 -20.74 4.33 -15.70
CA GLY A 145 -20.23 5.15 -16.78
C GLY A 145 -21.35 5.76 -17.64
N LEU A 146 -22.49 5.07 -17.71
CA LEU A 146 -23.70 5.60 -18.32
C LEU A 146 -24.08 6.92 -17.65
N LYS A 147 -24.81 7.75 -18.39
CA LYS A 147 -25.18 9.06 -17.87
C LYS A 147 -26.47 8.89 -17.10
N ASP A 148 -26.84 9.91 -16.31
CA ASP A 148 -27.97 9.76 -15.41
C ASP A 148 -29.25 9.54 -16.22
N SER A 149 -29.35 10.25 -17.36
CA SER A 149 -30.52 10.08 -18.22
C SER A 149 -30.66 8.62 -18.62
N GLN A 150 -29.53 7.95 -18.87
CA GLN A 150 -29.55 6.58 -19.38
C GLN A 150 -29.93 5.57 -18.29
N ILE A 151 -29.52 5.84 -17.05
CA ILE A 151 -29.93 5.02 -15.91
C ILE A 151 -31.41 5.25 -15.67
N ALA A 152 -31.83 6.53 -15.72
CA ALA A 152 -33.23 6.88 -15.57
C ALA A 152 -34.02 6.15 -16.65
N ASP A 153 -33.50 6.17 -17.89
CA ASP A 153 -34.08 5.39 -18.98
C ASP A 153 -34.20 3.92 -18.56
N ILE A 154 -33.14 3.31 -18.05
CA ILE A 154 -33.18 1.89 -17.74
C ILE A 154 -34.23 1.59 -16.66
N LEU A 155 -34.30 2.47 -15.67
CA LEU A 155 -35.22 2.26 -14.57
C LEU A 155 -36.64 2.51 -15.07
N SER A 156 -36.80 3.51 -15.92
CA SER A 156 -38.10 3.84 -16.48
C SER A 156 -38.57 2.75 -17.43
N THR A 157 -37.61 2.09 -18.12
CA THR A 157 -37.93 1.03 -19.07
C THR A 157 -38.16 -0.30 -18.35
N SER A 158 -37.64 -0.47 -17.13
CA SER A 158 -37.78 -1.73 -16.42
C SER A 158 -39.25 -2.03 -16.10
N GLY A 159 -39.52 -3.30 -15.78
CA GLY A 159 -40.83 -3.67 -15.30
C GLY A 159 -41.11 -3.02 -13.96
N THR A 160 -42.03 -3.62 -13.20
CA THR A 160 -42.46 -3.12 -11.91
C THR A 160 -41.33 -3.33 -10.89
N VAL A 161 -40.76 -4.54 -10.89
CA VAL A 161 -39.72 -4.92 -9.95
C VAL A 161 -38.39 -4.41 -10.48
N VAL A 162 -37.63 -3.74 -9.59
CA VAL A 162 -36.34 -3.16 -9.92
C VAL A 162 -35.34 -3.68 -8.91
N THR A 163 -34.21 -4.17 -9.43
CA THR A 163 -33.19 -4.78 -8.63
C THR A 163 -31.92 -3.96 -8.86
N ILE A 164 -31.37 -3.42 -7.77
CA ILE A 164 -30.24 -2.53 -7.88
C ILE A 164 -29.08 -3.05 -7.03
N THR A 165 -27.91 -3.10 -7.64
CA THR A 165 -26.68 -3.40 -6.93
C THR A 165 -25.86 -2.12 -6.73
N ILE A 166 -25.40 -1.91 -5.49
CA ILE A 166 -24.87 -0.65 -5.00
C ILE A 166 -23.63 -0.92 -4.17
N MET A 167 -22.71 0.06 -4.22
CA MET A 167 -21.43 -0.02 -3.56
C MET A 167 -21.23 1.27 -2.78
N PRO A 168 -20.71 1.24 -1.53
CA PRO A 168 -20.48 2.48 -0.80
C PRO A 168 -19.54 3.39 -1.59
N ALA A 169 -19.95 4.64 -1.78
CA ALA A 169 -19.20 5.55 -2.65
C ALA A 169 -17.70 5.54 -2.34
N PHE A 170 -17.33 5.52 -1.07
N PHE A 170 -17.33 5.49 -1.05
CA PHE A 170 -15.91 5.63 -0.71
CA PHE A 170 -15.92 5.60 -0.67
C PHE A 170 -15.13 4.44 -1.26
C PHE A 170 -15.12 4.42 -1.21
N ILE A 171 -15.78 3.26 -1.34
CA ILE A 171 -15.14 2.09 -1.92
C ILE A 171 -15.19 2.20 -3.44
N PHE A 172 -16.35 2.59 -3.96
CA PHE A 172 -16.51 2.81 -5.40
C PHE A 172 -15.48 3.81 -5.95
N GLU A 173 -15.28 4.94 -5.28
CA GLU A 173 -14.32 5.93 -5.77
C GLU A 173 -12.89 5.39 -5.70
N HIS A 174 -12.58 4.54 -4.72
CA HIS A 174 -11.25 3.94 -4.65
C HIS A 174 -10.99 2.97 -5.81
N ILE A 175 -12.02 2.23 -6.22
CA ILE A 175 -11.86 1.23 -7.26
C ILE A 175 -11.62 1.90 -8.61
N ILE A 176 -12.44 2.88 -8.97
CA ILE A 176 -12.45 3.43 -10.32
C ILE A 176 -11.28 4.38 -10.59
N LYS A 177 -10.59 4.87 -9.55
CA LYS A 177 -9.46 5.78 -9.75
C LYS A 177 -8.39 5.13 -10.64
N ARG A 178 -7.72 5.98 -11.45
CA ARG A 178 -6.70 5.59 -12.41
C ARG A 178 -7.35 4.97 -13.66
N MET A 179 -8.57 5.44 -13.94
CA MET A 179 -9.31 5.01 -15.12
C MET A 179 -10.21 6.15 -15.56
N ALA A 180 -9.94 6.67 -16.76
CA ALA A 180 -10.59 7.87 -17.27
C ALA A 180 -12.03 7.54 -17.63
N PRO A 181 -13.02 8.40 -17.25
CA PRO A 181 -14.46 8.05 -17.33
C PRO A 181 -15.06 7.61 -18.67
N SER A 182 -14.29 7.70 -19.77
CA SER A 182 -14.77 7.34 -21.10
C SER A 182 -14.49 5.86 -21.38
N ILE A 183 -13.43 5.32 -20.78
CA ILE A 183 -13.27 3.87 -20.79
C ILE A 183 -14.52 3.26 -20.17
N MET A 184 -14.91 3.77 -18.99
CA MET A 184 -16.05 3.26 -18.24
C MET A 184 -17.33 3.36 -19.05
N LYS A 185 -17.54 4.50 -19.72
CA LYS A 185 -18.71 4.68 -20.56
C LYS A 185 -18.63 3.77 -21.78
N SER A 186 -17.44 3.70 -22.41
CA SER A 186 -17.33 3.14 -23.76
C SER A 186 -16.85 1.70 -23.75
N LEU A 187 -16.36 1.22 -22.60
CA LEU A 187 -15.62 -0.03 -22.62
C LEU A 187 -16.11 -1.03 -21.59
N MET A 188 -16.36 -0.60 -20.35
CA MET A 188 -17.02 -1.44 -19.38
C MET A 188 -18.23 -2.09 -20.05
N ASP A 189 -18.41 -3.39 -19.81
CA ASP A 189 -19.46 -4.18 -20.41
C ASP A 189 -20.78 -3.76 -19.78
N HIS A 190 -21.76 -3.39 -20.60
CA HIS A 190 -23.04 -2.94 -20.11
C HIS A 190 -24.18 -3.80 -20.64
N THR A 191 -23.88 -5.04 -21.04
CA THR A 191 -24.83 -5.92 -21.67
C THR A 191 -25.38 -6.90 -20.64
N ILE A 192 -26.67 -7.23 -20.83
CA ILE A 192 -27.29 -8.41 -20.24
C ILE A 192 -26.40 -9.60 -20.56
N PRO A 193 -26.13 -10.55 -19.65
CA PRO A 193 -25.30 -11.73 -19.96
C PRO A 193 -25.88 -12.73 -20.96
N GLU A 194 -25.02 -13.56 -21.55
CA GLU A 194 -25.37 -14.56 -22.56
C GLU A 194 -25.74 -15.88 -21.89
N VAL A 195 -26.58 -16.68 -22.57
CA VAL A 195 -27.07 -17.96 -22.08
C VAL A 195 -26.84 -19.05 -23.15
N ALA B 3 23.10 0.45 -31.33
CA ALA B 3 21.90 1.32 -31.26
C ALA B 3 21.49 1.80 -32.66
N GLU B 4 21.78 0.98 -33.68
CA GLU B 4 21.55 1.33 -35.08
C GLU B 4 20.04 1.44 -35.34
N ILE B 5 19.67 2.34 -36.26
CA ILE B 5 18.26 2.60 -36.60
C ILE B 5 17.70 1.37 -37.34
N LYS B 6 16.63 0.78 -36.78
CA LYS B 6 15.97 -0.38 -37.36
C LYS B 6 15.01 0.06 -38.47
N GLN B 7 15.30 -0.33 -39.71
CA GLN B 7 14.50 0.12 -40.84
C GLN B 7 13.20 -0.70 -40.91
N GLY B 8 12.26 -0.23 -41.74
CA GLY B 8 10.91 -0.77 -41.75
C GLY B 8 10.19 -0.58 -40.41
N ILE B 9 9.28 -1.51 -40.10
CA ILE B 9 8.21 -1.31 -39.13
C ILE B 9 8.24 -2.41 -38.07
N ARG B 10 7.96 -2.04 -36.82
CA ARG B 10 7.91 -2.94 -35.70
C ARG B 10 6.59 -2.72 -34.93
N GLU B 11 6.11 -3.78 -34.27
CA GLU B 11 4.91 -3.73 -33.44
C GLU B 11 5.33 -3.88 -31.98
N VAL B 12 4.91 -2.93 -31.16
CA VAL B 12 5.21 -2.97 -29.74
C VAL B 12 3.88 -3.08 -28.99
N ILE B 13 3.90 -3.78 -27.85
CA ILE B 13 2.70 -4.06 -27.09
C ILE B 13 2.86 -3.44 -25.71
N LEU B 14 1.98 -2.48 -25.41
CA LEU B 14 2.03 -1.71 -24.18
C LEU B 14 0.87 -2.10 -23.30
N CYS B 15 0.94 -1.60 -22.07
CA CYS B 15 0.01 -1.92 -21.01
C CYS B 15 0.00 -0.75 -20.04
N LYS B 16 -1.13 -0.07 -19.89
CA LYS B 16 -1.20 1.04 -18.97
C LYS B 16 -0.79 0.54 -17.59
N ASP B 17 -0.08 1.38 -16.84
CA ASP B 17 0.36 1.02 -15.50
C ASP B 17 -0.83 1.23 -14.57
N GLN B 18 -0.61 1.06 -13.28
CA GLN B 18 -1.71 1.12 -12.32
C GLN B 18 -2.28 2.53 -12.26
N ASP B 19 -1.53 3.54 -12.70
CA ASP B 19 -2.01 4.91 -12.75
C ASP B 19 -2.65 5.26 -14.09
N GLY B 20 -2.83 4.28 -15.00
CA GLY B 20 -3.51 4.52 -16.26
C GLY B 20 -2.65 5.30 -17.26
N LYS B 21 -1.32 5.35 -17.01
CA LYS B 21 -0.39 6.09 -17.85
C LYS B 21 0.48 5.12 -18.64
N ILE B 22 1.06 5.63 -19.73
CA ILE B 22 1.96 4.85 -20.54
C ILE B 22 3.36 5.42 -20.45
N GLY B 23 3.48 6.72 -20.11
CA GLY B 23 4.79 7.36 -20.04
C GLY B 23 5.26 7.95 -21.37
N LEU B 24 4.35 8.48 -22.17
CA LEU B 24 4.65 8.93 -23.50
C LEU B 24 4.15 10.35 -23.69
N ARG B 25 4.89 11.14 -24.46
CA ARG B 25 4.29 12.30 -25.11
C ARG B 25 4.42 12.17 -26.62
N LEU B 26 3.30 12.42 -27.32
CA LEU B 26 3.22 12.36 -28.78
C LEU B 26 3.08 13.76 -29.40
N LYS B 27 3.70 13.95 -30.60
CA LYS B 27 3.80 15.23 -31.26
C LYS B 27 3.54 15.07 -32.75
N SER B 28 2.68 15.95 -33.30
CA SER B 28 2.36 15.95 -34.73
C SER B 28 3.47 16.64 -35.53
N ILE B 29 3.98 15.92 -36.55
CA ILE B 29 5.06 16.38 -37.42
C ILE B 29 4.85 15.83 -38.83
N ASP B 30 4.65 16.76 -39.75
CA ASP B 30 4.66 16.49 -41.17
C ASP B 30 3.56 15.49 -41.43
N ASN B 31 2.45 15.67 -40.68
CA ASN B 31 1.28 14.82 -40.77
C ASN B 31 1.54 13.41 -40.28
N GLY B 32 2.53 13.26 -39.38
CA GLY B 32 2.73 11.99 -38.71
C GLY B 32 2.74 12.25 -37.21
N ILE B 33 2.82 11.19 -36.41
CA ILE B 33 2.86 11.26 -34.95
C ILE B 33 4.20 10.70 -34.48
N PHE B 34 4.90 11.50 -33.64
CA PHE B 34 6.20 11.15 -33.12
C PHE B 34 6.29 11.32 -31.61
N VAL B 35 7.16 10.50 -31.01
CA VAL B 35 7.37 10.47 -29.58
C VAL B 35 8.29 11.64 -29.21
N GLN B 36 7.81 12.51 -28.32
CA GLN B 36 8.55 13.70 -27.91
C GLN B 36 9.05 13.51 -26.47
N LEU B 37 8.65 12.42 -25.81
CA LEU B 37 9.05 12.12 -24.44
C LEU B 37 8.64 10.69 -24.07
N VAL B 38 9.62 9.94 -23.60
CA VAL B 38 9.42 8.73 -22.82
C VAL B 38 9.86 8.97 -21.38
N GLN B 39 9.10 8.47 -20.41
CA GLN B 39 9.46 8.55 -18.99
C GLN B 39 10.20 7.30 -18.54
N ALA B 40 11.07 7.48 -17.54
CA ALA B 40 11.85 6.38 -16.99
C ALA B 40 10.93 5.35 -16.35
N ASN B 41 11.37 4.08 -16.38
CA ASN B 41 10.72 2.99 -15.67
C ASN B 41 9.22 3.09 -15.87
N SER B 42 8.83 3.26 -17.14
CA SER B 42 7.43 3.39 -17.51
C SER B 42 7.09 2.28 -18.49
N PRO B 43 5.79 2.00 -18.73
CA PRO B 43 5.43 0.93 -19.66
C PRO B 43 6.09 1.16 -21.01
N ALA B 44 6.24 2.43 -21.37
CA ALA B 44 6.79 2.78 -22.67
C ALA B 44 8.32 2.60 -22.66
N SER B 45 9.01 2.96 -21.56
CA SER B 45 10.44 2.70 -21.50
C SER B 45 10.68 1.20 -21.50
N LEU B 46 9.89 0.46 -20.71
CA LEU B 46 10.09 -0.97 -20.57
C LEU B 46 9.98 -1.70 -21.90
N VAL B 47 9.10 -1.24 -22.80
CA VAL B 47 8.88 -1.95 -24.06
C VAL B 47 9.79 -1.42 -25.15
N GLY B 48 10.59 -0.39 -24.87
CA GLY B 48 11.65 0.01 -25.80
C GLY B 48 11.23 1.16 -26.72
N LEU B 49 10.22 1.96 -26.35
CA LEU B 49 9.98 3.14 -27.19
C LEU B 49 11.06 4.18 -26.93
N ARG B 50 11.41 4.96 -27.97
CA ARG B 50 12.43 5.98 -27.85
C ARG B 50 11.94 7.30 -28.42
N PHE B 51 12.62 8.37 -27.96
CA PHE B 51 12.40 9.68 -28.51
C PHE B 51 12.68 9.60 -29.99
N GLY B 52 11.77 10.16 -30.78
CA GLY B 52 11.99 10.24 -32.20
C GLY B 52 11.23 9.15 -32.95
N ASP B 53 10.80 8.11 -32.24
CA ASP B 53 10.03 7.04 -32.84
C ASP B 53 8.78 7.64 -33.51
N GLN B 54 8.47 7.10 -34.70
CA GLN B 54 7.23 7.40 -35.40
C GLN B 54 6.17 6.36 -35.02
N VAL B 55 4.99 6.83 -34.56
CA VAL B 55 3.86 5.93 -34.38
C VAL B 55 3.02 5.95 -35.65
N LEU B 56 2.98 4.80 -36.33
CA LEU B 56 2.23 4.65 -37.57
C LEU B 56 0.77 4.38 -37.24
N GLN B 57 0.57 3.48 -36.28
CA GLN B 57 -0.78 3.16 -35.84
C GLN B 57 -0.84 3.00 -34.32
N ILE B 58 -2.02 3.32 -33.74
CA ILE B 58 -2.37 2.89 -32.39
C ILE B 58 -3.63 2.04 -32.45
N ASN B 59 -3.48 0.81 -31.98
CA ASN B 59 -4.56 -0.17 -31.93
C ASN B 59 -5.13 -0.44 -33.33
N GLY B 60 -4.29 -0.38 -34.37
CA GLY B 60 -4.70 -0.76 -35.71
C GLY B 60 -5.26 0.41 -36.49
N GLU B 61 -5.26 1.58 -35.85
CA GLU B 61 -5.87 2.78 -36.40
C GLU B 61 -4.69 3.67 -36.82
N ASN B 62 -4.78 4.29 -37.99
CA ASN B 62 -3.64 5.00 -38.58
C ASN B 62 -3.55 6.39 -37.97
N CYS B 63 -2.32 6.83 -37.68
CA CYS B 63 -2.05 8.08 -37.00
C CYS B 63 -1.99 9.27 -37.95
N ALA B 64 -1.82 8.98 -39.25
CA ALA B 64 -1.72 9.97 -40.30
C ALA B 64 -2.78 11.04 -40.15
N GLY B 65 -2.33 12.30 -40.10
CA GLY B 65 -3.23 13.45 -39.99
C GLY B 65 -3.42 13.92 -38.56
N TRP B 66 -3.33 12.98 -37.60
CA TRP B 66 -3.84 13.25 -36.26
C TRP B 66 -3.04 14.36 -35.65
N SER B 67 -3.72 15.27 -34.92
CA SER B 67 -3.02 16.29 -34.18
C SER B 67 -2.49 15.65 -32.90
N SER B 68 -1.64 16.37 -32.16
CA SER B 68 -1.13 15.84 -30.89
C SER B 68 -2.28 15.50 -29.95
N ASP B 69 -3.32 16.36 -29.96
CA ASP B 69 -4.40 16.27 -29.00
C ASP B 69 -5.22 15.01 -29.28
N LYS B 70 -5.49 14.73 -30.55
CA LYS B 70 -6.20 13.51 -30.91
C LYS B 70 -5.40 12.30 -30.44
N ALA B 71 -4.06 12.39 -30.53
CA ALA B 71 -3.22 11.24 -30.22
C ALA B 71 -3.32 10.92 -28.73
N HIS B 72 -3.02 11.93 -27.92
CA HIS B 72 -3.11 11.82 -26.47
C HIS B 72 -4.50 11.43 -25.98
N LYS B 73 -5.53 11.93 -26.65
CA LYS B 73 -6.90 11.60 -26.30
C LYS B 73 -7.10 10.12 -26.59
N VAL B 74 -6.56 9.65 -27.70
CA VAL B 74 -6.75 8.26 -28.08
C VAL B 74 -6.05 7.36 -27.07
N LEU B 75 -4.95 7.83 -26.49
CA LEU B 75 -4.22 7.08 -25.48
C LEU B 75 -4.95 7.13 -24.13
N LYS B 76 -5.46 8.31 -23.79
CA LYS B 76 -6.28 8.51 -22.61
C LYS B 76 -7.48 7.57 -22.67
N GLN B 77 -8.03 7.34 -23.86
CA GLN B 77 -9.25 6.57 -24.04
C GLN B 77 -9.00 5.08 -24.17
N ALA B 78 -7.74 4.64 -24.35
CA ALA B 78 -7.46 3.24 -24.67
C ALA B 78 -7.65 2.31 -23.47
N PHE B 79 -8.14 1.10 -23.67
CA PHE B 79 -8.19 0.12 -22.60
C PHE B 79 -6.76 -0.29 -22.25
N GLY B 80 -6.48 -0.43 -20.96
CA GLY B 80 -5.12 -0.49 -20.45
C GLY B 80 -4.42 -1.84 -20.66
N GLU B 81 -5.18 -2.89 -21.00
CA GLU B 81 -4.64 -4.25 -20.98
C GLU B 81 -3.64 -4.44 -22.11
N LYS B 82 -4.04 -4.13 -23.33
CA LYS B 82 -3.16 -4.31 -24.47
C LYS B 82 -3.37 -3.15 -25.44
N ILE B 83 -2.34 -2.31 -25.55
CA ILE B 83 -2.31 -1.26 -26.54
C ILE B 83 -1.26 -1.64 -27.56
N THR B 84 -1.68 -1.87 -28.80
CA THR B 84 -0.71 -2.17 -29.84
C THR B 84 -0.31 -0.88 -30.54
N MET B 85 1.00 -0.69 -30.66
CA MET B 85 1.50 0.39 -31.51
C MET B 85 2.37 -0.20 -32.61
N THR B 86 2.25 0.43 -33.77
CA THR B 86 3.09 0.09 -34.90
C THR B 86 4.08 1.23 -35.05
N ILE B 87 5.37 0.90 -34.95
CA ILE B 87 6.44 1.88 -34.76
C ILE B 87 7.45 1.75 -35.89
N ARG B 88 7.92 2.91 -36.39
CA ARG B 88 9.09 3.01 -37.25
C ARG B 88 10.21 3.67 -36.44
N ASP B 89 11.45 3.14 -36.54
CA ASP B 89 12.51 3.43 -35.59
C ASP B 89 13.15 4.78 -35.89
N ARG B 90 13.05 5.72 -34.95
CA ARG B 90 13.72 7.01 -35.00
C ARG B 90 14.07 7.46 -36.42
N PRO B 91 13.07 7.70 -37.31
CA PRO B 91 13.34 8.04 -38.70
C PRO B 91 14.00 9.36 -38.99
N PHE B 92 13.87 10.38 -38.12
CA PHE B 92 14.57 11.63 -38.35
C PHE B 92 16.03 11.55 -37.85
N GLU B 93 16.44 10.38 -37.32
CA GLU B 93 17.71 10.26 -36.62
C GLU B 93 18.65 9.34 -37.39
N ARG B 94 19.91 9.34 -36.93
CA ARG B 94 21.00 8.56 -37.49
C ARG B 94 22.06 8.33 -36.41
N THR B 95 22.69 7.15 -36.45
CA THR B 95 23.72 6.82 -35.48
C THR B 95 25.08 6.91 -36.17
N ILE B 96 26.05 7.39 -35.40
CA ILE B 96 27.43 7.51 -35.84
C ILE B 96 28.29 6.90 -34.73
N THR B 97 29.28 6.12 -35.18
CA THR B 97 30.18 5.39 -34.31
C THR B 97 31.59 5.96 -34.52
N MET B 98 32.29 6.26 -33.42
CA MET B 98 33.56 6.96 -33.53
C MET B 98 34.49 6.39 -32.44
N HIS B 99 35.82 6.53 -32.60
CA HIS B 99 36.78 5.94 -31.68
C HIS B 99 37.56 7.02 -30.90
N LYS B 100 37.35 7.15 -29.58
CA LYS B 100 38.10 8.08 -28.76
C LYS B 100 39.59 7.86 -29.02
N ASP B 101 40.36 8.95 -29.19
CA ASP B 101 41.80 8.83 -29.47
C ASP B 101 42.53 8.81 -28.12
N SER B 102 43.86 8.76 -28.15
CA SER B 102 44.64 8.62 -26.92
C SER B 102 44.27 9.72 -25.92
N THR B 103 43.99 10.92 -26.45
CA THR B 103 43.56 12.06 -25.67
C THR B 103 42.16 11.81 -25.10
N GLY B 104 41.44 10.85 -25.72
CA GLY B 104 40.12 10.45 -25.24
C GLY B 104 39.02 11.29 -25.87
N HIS B 105 39.29 11.77 -27.09
CA HIS B 105 38.42 12.69 -27.81
C HIS B 105 38.00 12.06 -29.13
N VAL B 106 36.79 12.41 -29.61
CA VAL B 106 36.28 11.92 -30.87
C VAL B 106 36.30 13.05 -31.90
N GLY B 107 36.13 14.29 -31.43
CA GLY B 107 36.57 15.45 -32.19
C GLY B 107 35.43 16.32 -32.69
N PHE B 108 34.59 16.75 -31.77
CA PHE B 108 33.67 17.80 -32.13
C PHE B 108 33.46 18.74 -30.95
N ILE B 109 32.86 19.88 -31.32
CA ILE B 109 32.46 20.88 -30.36
C ILE B 109 30.93 20.94 -30.40
N PHE B 110 30.29 20.92 -29.24
CA PHE B 110 28.85 21.06 -29.19
C PHE B 110 28.52 22.10 -28.14
N LYS B 111 27.26 22.59 -28.15
CA LYS B 111 26.75 23.59 -27.23
C LYS B 111 25.23 23.45 -27.19
N ASN B 112 24.65 23.42 -26.00
CA ASN B 112 23.24 23.12 -25.81
C ASN B 112 22.90 21.84 -26.58
N GLY B 113 23.81 20.85 -26.58
CA GLY B 113 23.53 19.56 -27.20
C GLY B 113 23.56 19.58 -28.73
N LYS B 114 23.93 20.71 -29.35
CA LYS B 114 24.04 20.79 -30.79
C LYS B 114 25.50 20.84 -31.22
N ILE B 115 25.86 19.96 -32.14
CA ILE B 115 27.19 19.93 -32.77
C ILE B 115 27.36 21.21 -33.60
N THR B 116 28.50 21.90 -33.39
CA THR B 116 28.75 23.21 -33.97
C THR B 116 30.08 23.24 -34.73
N SER B 117 30.98 22.31 -34.47
CA SER B 117 32.27 22.27 -35.14
C SER B 117 32.74 20.82 -35.12
N ILE B 118 33.37 20.42 -36.23
CA ILE B 118 33.99 19.12 -36.37
C ILE B 118 35.50 19.37 -36.41
N VAL B 119 36.23 18.73 -35.49
CA VAL B 119 37.68 18.84 -35.39
C VAL B 119 38.34 18.13 -36.59
N LYS B 120 39.37 18.76 -37.19
CA LYS B 120 40.14 18.16 -38.26
C LYS B 120 40.88 16.91 -37.76
N ASP B 121 40.85 15.85 -38.59
CA ASP B 121 41.59 14.61 -38.38
C ASP B 121 41.07 13.87 -37.15
N SER B 122 39.77 14.03 -36.87
CA SER B 122 39.11 13.43 -35.71
C SER B 122 38.45 12.10 -36.11
N SER B 123 38.13 11.26 -35.13
CA SER B 123 37.16 10.21 -35.37
C SER B 123 35.93 10.89 -35.94
N ALA B 124 35.36 11.80 -35.12
CA ALA B 124 34.21 12.58 -35.56
C ALA B 124 34.30 12.88 -37.07
N ALA B 125 35.44 13.38 -37.54
CA ALA B 125 35.56 13.79 -38.94
C ALA B 125 35.82 12.60 -39.87
N ARG B 126 36.25 11.47 -39.32
CA ARG B 126 36.37 10.30 -40.17
C ARG B 126 34.94 9.87 -40.49
N ASN B 127 34.16 9.62 -39.45
CA ASN B 127 32.83 9.06 -39.60
C ASN B 127 31.80 10.07 -40.12
N GLY B 128 32.21 11.29 -40.50
CA GLY B 128 31.43 12.20 -41.32
C GLY B 128 30.39 13.04 -40.54
N LEU B 129 30.65 13.26 -39.24
CA LEU B 129 29.71 13.89 -38.33
C LEU B 129 29.31 15.25 -38.90
N LEU B 130 28.09 15.70 -38.56
CA LEU B 130 27.59 16.93 -39.13
C LEU B 130 27.30 17.96 -38.04
N THR B 131 27.48 19.23 -38.41
CA THR B 131 27.13 20.35 -37.56
C THR B 131 25.61 20.58 -37.68
N GLU B 132 25.07 21.38 -36.75
CA GLU B 132 23.67 21.78 -36.79
C GLU B 132 22.79 20.56 -36.58
N HIS B 133 23.28 19.62 -35.75
CA HIS B 133 22.56 18.41 -35.39
C HIS B 133 22.60 18.24 -33.88
N ASN B 134 21.41 18.02 -33.29
CA ASN B 134 21.28 17.73 -31.88
C ASN B 134 21.68 16.28 -31.62
N ILE B 135 22.39 16.12 -30.51
CA ILE B 135 22.70 14.81 -29.93
C ILE B 135 21.47 14.26 -29.21
N CYS B 136 20.95 13.09 -29.64
CA CYS B 136 19.81 12.50 -28.97
C CYS B 136 20.29 11.32 -28.11
N GLU B 137 21.28 10.56 -28.58
CA GLU B 137 21.74 9.41 -27.82
C GLU B 137 23.26 9.27 -27.91
N ILE B 138 23.87 8.75 -26.83
CA ILE B 138 25.23 8.25 -26.82
C ILE B 138 25.21 6.77 -26.39
N ASN B 139 25.70 5.89 -27.26
CA ASN B 139 25.66 4.46 -27.04
C ASN B 139 24.23 3.99 -26.74
N GLY B 140 23.29 4.43 -27.59
CA GLY B 140 21.91 4.03 -27.42
C GLY B 140 21.26 4.62 -26.17
N GLN B 141 21.97 5.50 -25.46
CA GLN B 141 21.45 6.12 -24.26
C GLN B 141 21.03 7.57 -24.55
N ASN B 142 19.80 7.91 -24.13
CA ASN B 142 19.14 9.18 -24.42
C ASN B 142 19.71 10.28 -23.52
N VAL B 143 20.19 11.36 -24.14
CA VAL B 143 20.80 12.45 -23.37
C VAL B 143 20.03 13.76 -23.56
N ILE B 144 18.79 13.70 -24.02
CA ILE B 144 18.04 14.93 -24.25
C ILE B 144 17.60 15.57 -22.94
N GLY B 145 17.94 16.85 -22.79
CA GLY B 145 17.56 17.57 -21.58
C GLY B 145 18.65 17.56 -20.50
N LEU B 146 19.77 16.86 -20.76
CA LEU B 146 20.99 16.89 -19.96
C LEU B 146 21.90 18.05 -20.37
N LYS B 147 22.92 18.28 -19.54
CA LYS B 147 23.72 19.49 -19.63
C LYS B 147 25.01 19.14 -20.36
N ASP B 148 25.64 20.13 -20.97
CA ASP B 148 26.79 19.84 -21.82
C ASP B 148 27.88 19.11 -21.02
N SER B 149 27.95 19.40 -19.73
CA SER B 149 28.85 18.71 -18.82
C SER B 149 28.37 17.27 -18.65
N GLN B 150 27.05 17.11 -18.46
CA GLN B 150 26.46 15.79 -18.23
C GLN B 150 26.74 14.90 -19.44
N ILE B 151 26.65 15.49 -20.65
CA ILE B 151 26.83 14.77 -21.90
C ILE B 151 28.33 14.56 -22.15
N ALA B 152 29.14 15.48 -21.59
CA ALA B 152 30.59 15.42 -21.72
C ALA B 152 31.13 14.28 -20.87
N ASP B 153 30.56 14.13 -19.67
CA ASP B 153 30.94 13.04 -18.78
C ASP B 153 30.66 11.70 -19.46
N ILE B 154 29.43 11.56 -19.97
CA ILE B 154 28.98 10.31 -20.55
C ILE B 154 29.88 9.93 -21.73
N LEU B 155 30.38 10.93 -22.44
CA LEU B 155 31.26 10.71 -23.57
C LEU B 155 32.60 10.15 -23.11
N SER B 156 32.97 10.45 -21.86
CA SER B 156 34.27 10.06 -21.36
C SER B 156 34.20 8.63 -20.80
N THR B 157 33.24 8.36 -19.90
CA THR B 157 33.03 7.01 -19.40
C THR B 157 32.56 6.13 -20.55
N SER B 158 33.46 5.81 -21.49
CA SER B 158 33.03 5.33 -22.80
C SER B 158 34.22 4.87 -23.65
N GLY B 159 34.12 3.67 -24.23
CA GLY B 159 35.28 3.02 -24.77
C GLY B 159 35.73 3.62 -26.08
N THR B 160 36.84 3.10 -26.61
CA THR B 160 37.40 3.61 -27.84
C THR B 160 36.26 3.87 -28.82
N VAL B 161 35.42 2.87 -29.07
CA VAL B 161 34.30 3.02 -29.97
C VAL B 161 33.12 3.61 -29.18
N VAL B 162 32.48 4.63 -29.78
CA VAL B 162 31.40 5.40 -29.17
C VAL B 162 30.33 5.64 -30.23
N THR B 163 29.05 5.49 -29.84
CA THR B 163 27.94 5.68 -30.75
C THR B 163 27.12 6.90 -30.32
N ILE B 164 26.91 7.80 -31.26
CA ILE B 164 26.10 9.00 -31.08
C ILE B 164 24.93 8.95 -32.07
N THR B 165 23.72 9.25 -31.56
CA THR B 165 22.58 9.39 -32.45
C THR B 165 22.23 10.87 -32.57
N ILE B 166 22.08 11.36 -33.81
CA ILE B 166 21.88 12.77 -34.08
C ILE B 166 20.60 13.01 -34.87
N MET B 167 20.00 14.19 -34.64
CA MET B 167 18.83 14.64 -35.39
C MET B 167 19.12 16.02 -35.99
N PRO B 168 18.67 16.35 -37.23
CA PRO B 168 18.78 17.73 -37.69
C PRO B 168 18.11 18.68 -36.70
N ALA B 169 18.86 19.71 -36.30
CA ALA B 169 18.45 20.64 -35.27
C ALA B 169 17.06 21.18 -35.56
N PHE B 170 16.78 21.49 -36.84
N PHE B 170 16.77 21.50 -36.83
CA PHE B 170 15.51 22.09 -37.23
CA PHE B 170 15.50 22.13 -37.16
C PHE B 170 14.34 21.19 -36.88
C PHE B 170 14.33 21.20 -36.88
N ILE B 171 14.52 19.88 -37.03
CA ILE B 171 13.52 18.89 -36.69
C ILE B 171 13.46 18.70 -35.19
N PHE B 172 14.64 18.63 -34.57
CA PHE B 172 14.69 18.53 -33.12
C PHE B 172 13.88 19.67 -32.46
N GLU B 173 14.18 20.93 -32.79
CA GLU B 173 13.44 22.07 -32.28
C GLU B 173 11.93 21.94 -32.53
N HIS B 174 11.51 21.36 -33.65
CA HIS B 174 10.09 21.18 -33.93
C HIS B 174 9.45 20.12 -33.02
N ILE B 175 10.22 19.09 -32.67
CA ILE B 175 9.69 17.94 -31.94
C ILE B 175 9.48 18.33 -30.48
N ILE B 176 10.31 19.22 -29.98
CA ILE B 176 10.30 19.52 -28.55
C ILE B 176 9.28 20.61 -28.24
N LYS B 177 8.72 21.25 -29.29
CA LYS B 177 7.69 22.28 -29.14
C LYS B 177 6.44 21.70 -28.48
N ARG B 178 5.67 22.57 -27.80
CA ARG B 178 4.48 22.17 -27.06
C ARG B 178 4.86 21.24 -25.90
N MET B 179 5.99 21.52 -25.23
CA MET B 179 6.40 20.72 -24.09
C MET B 179 7.37 21.58 -23.27
N ALA B 180 6.92 21.96 -22.06
CA ALA B 180 7.71 22.72 -21.11
C ALA B 180 9.05 22.02 -20.87
N PRO B 181 10.20 22.74 -21.02
CA PRO B 181 11.53 22.12 -20.87
C PRO B 181 11.90 21.57 -19.51
N SER B 182 11.14 21.94 -18.47
CA SER B 182 11.38 21.40 -17.13
C SER B 182 10.78 19.99 -17.03
N ILE B 183 9.73 19.75 -17.83
CA ILE B 183 9.19 18.41 -18.04
C ILE B 183 10.27 17.55 -18.69
N MET B 184 10.85 18.09 -19.77
CA MET B 184 11.78 17.38 -20.62
C MET B 184 13.07 17.10 -19.84
N LYS B 185 13.45 18.07 -18.99
CA LYS B 185 14.67 17.96 -18.21
C LYS B 185 14.49 16.92 -17.09
N SER B 186 13.28 16.77 -16.56
CA SER B 186 13.10 15.99 -15.35
C SER B 186 12.38 14.67 -15.60
N LEU B 187 11.70 14.52 -16.75
CA LEU B 187 10.94 13.31 -17.05
C LEU B 187 11.62 12.44 -18.12
N MET B 188 12.43 13.02 -19.01
CA MET B 188 12.97 12.25 -20.12
C MET B 188 13.76 11.06 -19.57
N ASP B 189 13.71 9.93 -20.30
CA ASP B 189 14.28 8.65 -19.89
C ASP B 189 15.74 8.67 -20.35
N HIS B 190 16.67 8.35 -19.45
CA HIS B 190 18.09 8.33 -19.73
C HIS B 190 18.67 6.96 -19.36
N THR B 191 17.77 6.02 -19.01
CA THR B 191 18.12 4.62 -18.83
C THR B 191 19.16 4.15 -19.83
N ILE B 192 20.14 3.43 -19.27
CA ILE B 192 21.16 2.78 -20.07
C ILE B 192 20.50 1.56 -20.69
N PRO B 193 20.65 1.32 -22.01
CA PRO B 193 20.04 0.16 -22.64
C PRO B 193 20.59 -1.12 -22.03
N GLU B 194 19.67 -2.08 -21.93
CA GLU B 194 19.88 -3.38 -21.32
C GLU B 194 19.85 -4.45 -22.38
N VAL B 195 20.30 -5.65 -21.98
CA VAL B 195 20.12 -6.82 -22.80
C VAL B 195 19.21 -7.78 -22.06
N ALA C 3 -23.83 -16.31 13.59
CA ALA C 3 -22.54 -15.75 13.11
C ALA C 3 -22.65 -15.35 11.64
N GLU C 4 -22.96 -16.34 10.77
CA GLU C 4 -23.01 -16.14 9.34
C GLU C 4 -24.26 -15.33 8.97
N ILE C 5 -24.09 -14.39 8.03
CA ILE C 5 -25.12 -13.40 7.67
C ILE C 5 -26.32 -14.10 7.03
N LYS C 6 -27.43 -14.17 7.78
CA LYS C 6 -28.72 -14.65 7.27
C LYS C 6 -29.42 -13.50 6.57
N GLN C 7 -29.28 -13.46 5.24
CA GLN C 7 -29.65 -12.32 4.41
C GLN C 7 -31.17 -12.17 4.37
N GLY C 8 -31.63 -11.09 3.72
CA GLY C 8 -33.01 -10.70 3.78
C GLY C 8 -33.38 -10.16 5.16
N ILE C 9 -34.68 -9.95 5.34
CA ILE C 9 -35.24 -9.10 6.37
C ILE C 9 -35.92 -9.98 7.42
N ARG C 10 -35.97 -9.49 8.67
CA ARG C 10 -36.82 -10.11 9.66
C ARG C 10 -37.54 -9.07 10.53
N GLU C 11 -38.63 -9.51 11.15
CA GLU C 11 -39.38 -8.70 12.08
C GLU C 11 -38.98 -9.19 13.47
N VAL C 12 -39.01 -8.27 14.45
CA VAL C 12 -38.79 -8.64 15.84
C VAL C 12 -39.78 -7.86 16.69
N ILE C 13 -40.30 -8.55 17.73
CA ILE C 13 -41.25 -8.00 18.69
C ILE C 13 -40.50 -7.87 20.01
N LEU C 14 -40.59 -6.69 20.64
CA LEU C 14 -39.90 -6.41 21.88
C LEU C 14 -40.90 -5.92 22.91
N CYS C 15 -40.50 -5.98 24.19
CA CYS C 15 -41.18 -5.29 25.26
C CYS C 15 -40.12 -4.62 26.14
N LYS C 16 -40.37 -3.36 26.51
CA LYS C 16 -39.52 -2.65 27.44
C LYS C 16 -39.56 -3.35 28.79
N ASP C 17 -38.39 -3.53 29.40
CA ASP C 17 -38.24 -4.17 30.69
C ASP C 17 -38.92 -3.31 31.75
N GLN C 18 -38.67 -3.62 33.03
CA GLN C 18 -39.32 -2.92 34.11
C GLN C 18 -38.78 -1.48 34.20
N ASP C 19 -37.49 -1.27 33.86
CA ASP C 19 -36.92 0.07 33.80
C ASP C 19 -37.35 0.82 32.52
N GLY C 20 -38.29 0.25 31.74
CA GLY C 20 -38.87 0.92 30.58
C GLY C 20 -37.89 1.08 29.40
N LYS C 21 -36.75 0.36 29.46
CA LYS C 21 -35.70 0.40 28.45
C LYS C 21 -35.72 -0.88 27.63
N ILE C 22 -35.09 -0.87 26.43
CA ILE C 22 -34.89 -2.07 25.60
C ILE C 22 -33.41 -2.31 25.34
N GLY C 23 -32.59 -1.29 25.56
CA GLY C 23 -31.16 -1.46 25.63
C GLY C 23 -30.49 -1.30 24.26
N LEU C 24 -31.03 -0.40 23.42
CA LEU C 24 -30.43 -0.06 22.13
C LEU C 24 -29.77 1.32 22.20
N ARG C 25 -28.64 1.43 21.48
CA ARG C 25 -28.17 2.68 20.93
C ARG C 25 -28.13 2.54 19.41
N LEU C 26 -28.61 3.58 18.73
CA LEU C 26 -28.82 3.59 17.28
C LEU C 26 -28.08 4.77 16.64
N LYS C 27 -27.83 4.69 15.33
CA LYS C 27 -26.95 5.63 14.68
C LYS C 27 -27.41 5.86 13.23
N SER C 28 -27.21 7.09 12.74
CA SER C 28 -27.53 7.48 11.37
C SER C 28 -26.31 7.23 10.50
N ILE C 29 -26.52 6.41 9.46
CA ILE C 29 -25.50 6.13 8.48
C ILE C 29 -26.15 6.11 7.10
N ASP C 30 -25.75 7.06 6.26
CA ASP C 30 -26.05 7.02 4.83
C ASP C 30 -27.57 7.04 4.65
N ASN C 31 -28.25 7.80 5.52
CA ASN C 31 -29.72 7.92 5.61
C ASN C 31 -30.39 6.60 5.99
N GLY C 32 -29.62 5.70 6.60
CA GLY C 32 -30.23 4.57 7.29
C GLY C 32 -30.17 4.73 8.81
N ILE C 33 -30.78 3.78 9.53
CA ILE C 33 -30.65 3.68 10.97
C ILE C 33 -30.06 2.32 11.35
N PHE C 34 -29.00 2.33 12.15
CA PHE C 34 -28.25 1.14 12.48
C PHE C 34 -27.93 1.08 13.97
N VAL C 35 -27.70 -0.17 14.43
CA VAL C 35 -27.37 -0.48 15.81
C VAL C 35 -25.93 -0.16 16.08
N GLN C 36 -25.71 0.82 16.98
CA GLN C 36 -24.34 1.09 17.40
C GLN C 36 -24.09 0.45 18.76
N LEU C 37 -25.14 0.09 19.52
CA LEU C 37 -24.87 -0.72 20.69
C LEU C 37 -26.09 -1.51 21.13
N VAL C 38 -25.81 -2.74 21.60
CA VAL C 38 -26.76 -3.63 22.26
C VAL C 38 -26.23 -3.89 23.69
N GLN C 39 -27.09 -3.74 24.71
CA GLN C 39 -26.70 -4.07 26.07
C GLN C 39 -26.99 -5.55 26.34
N ALA C 40 -26.15 -6.24 27.11
CA ALA C 40 -26.49 -7.60 27.52
C ALA C 40 -27.81 -7.62 28.28
N ASN C 41 -28.52 -8.75 28.18
N ASN C 41 -28.50 -8.77 28.30
CA ASN C 41 -29.65 -9.03 29.04
CA ASN C 41 -29.65 -8.94 29.18
C ASN C 41 -30.69 -7.92 28.87
C ASN C 41 -30.78 -7.99 28.81
N SER C 42 -30.62 -7.26 27.69
CA SER C 42 -31.57 -6.26 27.28
C SER C 42 -32.65 -6.98 26.50
N PRO C 43 -33.90 -6.49 26.45
CA PRO C 43 -34.87 -7.01 25.51
C PRO C 43 -34.33 -7.12 24.08
N ALA C 44 -33.27 -6.34 23.78
CA ALA C 44 -32.67 -6.26 22.45
C ALA C 44 -31.71 -7.42 22.22
N SER C 45 -30.83 -7.68 23.18
CA SER C 45 -29.92 -8.81 23.12
C SER C 45 -30.69 -10.12 22.97
N LEU C 46 -31.79 -10.24 23.72
CA LEU C 46 -32.46 -11.51 23.94
C LEU C 46 -33.34 -11.87 22.75
N VAL C 47 -33.68 -10.88 21.93
CA VAL C 47 -34.55 -11.15 20.82
C VAL C 47 -33.67 -11.33 19.58
N GLY C 48 -32.42 -10.86 19.66
CA GLY C 48 -31.35 -11.23 18.74
C GLY C 48 -30.80 -10.08 17.91
N LEU C 49 -31.01 -8.83 18.34
CA LEU C 49 -30.41 -7.68 17.69
C LEU C 49 -28.91 -7.67 17.97
N ARG C 50 -28.15 -7.30 16.95
CA ARG C 50 -26.71 -7.31 16.98
C ARG C 50 -26.17 -5.96 16.55
N PHE C 51 -24.90 -5.68 16.90
CA PHE C 51 -24.17 -4.53 16.38
C PHE C 51 -24.05 -4.58 14.87
N GLY C 52 -24.49 -3.48 14.22
CA GLY C 52 -24.30 -3.29 12.80
C GLY C 52 -25.58 -3.60 12.04
N ASP C 53 -26.59 -4.03 12.78
CA ASP C 53 -27.92 -4.31 12.27
C ASP C 53 -28.60 -3.03 11.79
N GLN C 54 -29.43 -3.15 10.73
CA GLN C 54 -30.15 -2.03 10.15
C GLN C 54 -31.63 -2.12 10.49
N VAL C 55 -32.19 -1.08 11.09
CA VAL C 55 -33.60 -0.97 11.40
C VAL C 55 -34.29 -0.22 10.27
N LEU C 56 -35.25 -0.87 9.60
CA LEU C 56 -35.90 -0.30 8.42
C LEU C 56 -37.21 0.36 8.82
N GLN C 57 -37.89 -0.23 9.81
CA GLN C 57 -39.19 0.21 10.30
C GLN C 57 -39.20 0.05 11.82
N ILE C 58 -39.77 1.02 12.56
CA ILE C 58 -40.14 0.82 13.95
C ILE C 58 -41.66 0.98 14.06
N ASN C 59 -42.32 -0.07 14.55
CA ASN C 59 -43.78 -0.12 14.63
C ASN C 59 -44.41 0.19 13.28
N GLY C 60 -43.76 -0.23 12.18
CA GLY C 60 -44.39 -0.19 10.87
C GLY C 60 -44.21 1.15 10.15
N GLU C 61 -43.37 2.01 10.71
CA GLU C 61 -43.02 3.29 10.10
C GLU C 61 -41.57 3.25 9.64
N ASN C 62 -41.27 3.76 8.44
CA ASN C 62 -39.92 3.72 7.89
C ASN C 62 -38.99 4.60 8.71
N CYS C 63 -37.74 4.16 8.84
CA CYS C 63 -36.70 4.89 9.56
C CYS C 63 -35.79 5.67 8.61
N ALA C 64 -35.90 5.46 7.29
CA ALA C 64 -35.14 6.23 6.32
C ALA C 64 -35.19 7.73 6.62
N GLY C 65 -34.00 8.32 6.74
CA GLY C 65 -33.87 9.76 6.83
C GLY C 65 -33.67 10.22 8.27
N TRP C 66 -34.01 9.35 9.24
CA TRP C 66 -34.14 9.73 10.64
C TRP C 66 -32.76 10.06 11.19
N SER C 67 -32.68 11.19 11.92
CA SER C 67 -31.62 11.42 12.89
C SER C 67 -31.65 10.34 13.97
N SER C 68 -30.50 10.07 14.58
CA SER C 68 -30.43 9.09 15.65
C SER C 68 -31.15 9.59 16.89
N ASP C 69 -31.31 10.92 17.00
CA ASP C 69 -32.13 11.56 18.03
C ASP C 69 -33.59 11.19 17.83
N LYS C 70 -34.04 11.29 16.58
CA LYS C 70 -35.44 11.04 16.26
C LYS C 70 -35.77 9.58 16.55
N ALA C 71 -34.88 8.68 16.17
CA ALA C 71 -35.09 7.24 16.39
C ALA C 71 -35.20 6.91 17.89
N HIS C 72 -34.28 7.44 18.70
CA HIS C 72 -34.37 7.29 20.15
C HIS C 72 -35.70 7.81 20.68
N LYS C 73 -36.16 8.93 20.14
CA LYS C 73 -37.32 9.63 20.67
C LYS C 73 -38.59 8.85 20.33
N VAL C 74 -38.62 8.22 19.15
CA VAL C 74 -39.75 7.43 18.75
C VAL C 74 -39.93 6.28 19.73
N LEU C 75 -38.82 5.62 20.04
CA LEU C 75 -38.86 4.46 20.91
C LEU C 75 -39.22 4.93 22.33
N LYS C 76 -38.44 5.88 22.87
CA LYS C 76 -38.72 6.49 24.16
C LYS C 76 -40.22 6.68 24.36
N GLN C 77 -40.91 7.16 23.30
CA GLN C 77 -42.34 7.48 23.33
C GLN C 77 -43.22 6.27 23.01
N ALA C 78 -42.62 5.12 22.71
CA ALA C 78 -43.37 3.92 22.38
C ALA C 78 -43.71 3.15 23.65
N PHE C 79 -44.97 3.25 24.07
CA PHE C 79 -45.48 2.42 25.15
C PHE C 79 -46.58 1.53 24.58
N GLY C 80 -46.23 0.78 23.54
CA GLY C 80 -47.05 -0.34 23.14
C GLY C 80 -46.87 -1.50 24.11
N GLU C 81 -47.75 -2.50 23.99
CA GLU C 81 -47.52 -3.80 24.59
C GLU C 81 -46.31 -4.45 23.92
N LYS C 82 -46.14 -4.19 22.62
CA LYS C 82 -44.96 -4.60 21.88
C LYS C 82 -44.40 -3.45 21.06
N ILE C 83 -43.08 -3.45 20.88
CA ILE C 83 -42.39 -2.71 19.82
C ILE C 83 -42.04 -3.68 18.69
N THR C 84 -42.62 -3.48 17.49
CA THR C 84 -42.22 -4.27 16.31
C THR C 84 -41.16 -3.50 15.53
N MET C 85 -40.00 -4.13 15.26
CA MET C 85 -38.93 -3.56 14.44
C MET C 85 -38.68 -4.50 13.25
N THR C 86 -38.50 -3.92 12.06
CA THR C 86 -38.01 -4.68 10.92
C THR C 86 -36.51 -4.46 10.74
N ILE C 87 -35.77 -5.56 10.67
CA ILE C 87 -34.32 -5.56 10.57
C ILE C 87 -33.86 -6.11 9.22
N ARG C 88 -32.71 -5.58 8.76
CA ARG C 88 -31.80 -6.24 7.83
C ARG C 88 -30.49 -6.52 8.56
N ASP C 89 -30.03 -7.76 8.39
CA ASP C 89 -29.05 -8.34 9.28
C ASP C 89 -27.66 -7.88 8.83
N ARG C 90 -26.95 -7.23 9.77
CA ARG C 90 -25.58 -6.75 9.64
C ARG C 90 -25.09 -6.48 8.22
N PRO C 91 -25.71 -5.52 7.50
CA PRO C 91 -25.43 -5.27 6.07
C PRO C 91 -24.04 -4.80 5.63
N PHE C 92 -23.32 -4.13 6.54
CA PHE C 92 -22.00 -3.61 6.22
C PHE C 92 -20.94 -4.60 6.66
N GLU C 93 -21.29 -5.86 6.91
CA GLU C 93 -20.37 -6.83 7.48
C GLU C 93 -20.39 -8.08 6.62
N ARG C 94 -19.24 -8.76 6.60
CA ARG C 94 -19.10 -10.07 5.98
C ARG C 94 -18.47 -11.00 7.04
N THR C 95 -18.77 -12.29 6.93
CA THR C 95 -18.08 -13.29 7.74
C THR C 95 -17.17 -14.12 6.85
N ILE C 96 -15.90 -14.20 7.26
CA ILE C 96 -14.90 -15.03 6.61
C ILE C 96 -14.58 -16.18 7.56
N THR C 97 -14.62 -17.41 7.04
CA THR C 97 -14.22 -18.57 7.83
C THR C 97 -12.84 -19.05 7.40
N MET C 98 -12.01 -19.36 8.41
CA MET C 98 -10.61 -19.68 8.18
C MET C 98 -10.20 -20.88 9.05
N HIS C 99 -9.14 -21.59 8.64
CA HIS C 99 -8.62 -22.77 9.32
C HIS C 99 -7.20 -22.50 9.82
N LYS C 100 -6.93 -22.78 11.09
CA LYS C 100 -5.59 -22.57 11.62
C LYS C 100 -4.67 -23.58 10.96
N ASP C 101 -3.39 -23.19 10.80
CA ASP C 101 -2.35 -24.11 10.39
C ASP C 101 -1.85 -24.89 11.61
N SER C 102 -0.63 -25.44 11.51
CA SER C 102 -0.09 -26.37 12.49
C SER C 102 0.29 -25.65 13.79
N THR C 103 0.81 -24.42 13.66
CA THR C 103 1.22 -23.61 14.79
C THR C 103 0.04 -22.90 15.44
N GLY C 104 -1.16 -23.08 14.89
CA GLY C 104 -2.38 -22.48 15.43
C GLY C 104 -2.56 -21.04 14.96
N HIS C 105 -2.05 -20.73 13.77
CA HIS C 105 -2.05 -19.37 13.23
C HIS C 105 -3.06 -19.27 12.09
N VAL C 106 -3.95 -18.27 12.18
CA VAL C 106 -5.00 -18.02 11.21
C VAL C 106 -4.43 -17.29 9.99
N GLY C 107 -3.56 -16.30 10.23
CA GLY C 107 -2.65 -15.77 9.23
C GLY C 107 -2.76 -14.25 9.06
N PHE C 108 -3.14 -13.53 10.12
CA PHE C 108 -3.27 -12.09 10.02
C PHE C 108 -2.84 -11.39 11.30
N ILE C 109 -2.41 -10.14 11.11
CA ILE C 109 -2.00 -9.24 12.18
C ILE C 109 -3.08 -8.17 12.27
N PHE C 110 -3.41 -7.76 13.49
CA PHE C 110 -4.36 -6.69 13.73
C PHE C 110 -3.87 -5.76 14.84
N LYS C 111 -4.63 -4.68 15.08
CA LYS C 111 -4.35 -3.72 16.12
C LYS C 111 -5.52 -2.76 16.26
N ASN C 112 -5.91 -2.49 17.51
CA ASN C 112 -7.16 -1.83 17.82
C ASN C 112 -8.29 -2.58 17.12
N GLY C 113 -8.12 -3.91 17.00
CA GLY C 113 -9.07 -4.78 16.35
C GLY C 113 -9.24 -4.51 14.86
N LYS C 114 -8.19 -3.97 14.20
CA LYS C 114 -8.19 -3.71 12.76
C LYS C 114 -7.10 -4.53 12.08
N ILE C 115 -7.49 -5.31 11.07
CA ILE C 115 -6.55 -6.17 10.39
C ILE C 115 -5.59 -5.28 9.61
N THR C 116 -4.28 -5.52 9.78
CA THR C 116 -3.27 -4.61 9.25
C THR C 116 -2.33 -5.33 8.30
N SER C 117 -2.29 -6.67 8.32
CA SER C 117 -1.57 -7.40 7.29
C SER C 117 -2.04 -8.85 7.26
N ILE C 118 -2.05 -9.44 6.05
CA ILE C 118 -2.34 -10.84 5.84
C ILE C 118 -1.02 -11.56 5.57
N VAL C 119 -0.94 -12.83 5.99
CA VAL C 119 0.26 -13.64 5.88
C VAL C 119 0.22 -14.47 4.58
N LYS C 120 1.35 -14.55 3.89
CA LYS C 120 1.47 -15.35 2.67
C LYS C 120 1.25 -16.83 2.99
N ASP C 121 0.36 -17.47 2.23
CA ASP C 121 0.09 -18.89 2.30
C ASP C 121 -0.57 -19.29 3.61
N SER C 122 -1.19 -18.32 4.29
CA SER C 122 -2.05 -18.59 5.44
C SER C 122 -3.50 -18.82 4.96
N SER C 123 -4.38 -19.21 5.88
CA SER C 123 -5.77 -19.47 5.53
C SER C 123 -6.53 -18.14 5.37
N ALA C 124 -5.99 -17.07 5.94
CA ALA C 124 -6.53 -15.74 5.75
C ALA C 124 -6.38 -15.33 4.28
N ALA C 125 -5.21 -15.59 3.68
CA ALA C 125 -4.92 -15.18 2.31
C ALA C 125 -5.60 -16.09 1.28
N ARG C 126 -5.74 -17.39 1.59
CA ARG C 126 -6.47 -18.30 0.70
C ARG C 126 -7.91 -17.83 0.57
N ASN C 127 -8.45 -17.28 1.66
CA ASN C 127 -9.85 -16.88 1.74
C ASN C 127 -10.02 -15.38 1.50
N GLY C 128 -8.95 -14.67 1.13
CA GLY C 128 -9.01 -13.26 0.78
C GLY C 128 -9.59 -12.37 1.88
N LEU C 129 -9.05 -12.51 3.10
CA LEU C 129 -9.28 -11.56 4.18
C LEU C 129 -8.64 -10.21 3.80
N LEU C 130 -9.25 -9.13 4.27
CA LEU C 130 -8.82 -7.80 3.87
C LEU C 130 -8.28 -7.02 5.07
N THR C 131 -7.24 -6.23 4.83
CA THR C 131 -6.76 -5.26 5.79
C THR C 131 -7.64 -4.04 5.72
N GLU C 132 -7.64 -3.25 6.81
CA GLU C 132 -8.44 -2.04 6.95
C GLU C 132 -9.90 -2.44 7.16
N HIS C 133 -10.09 -3.47 7.99
CA HIS C 133 -11.40 -3.99 8.34
C HIS C 133 -11.46 -4.16 9.87
N ASN C 134 -12.52 -3.71 10.53
CA ASN C 134 -12.62 -3.97 11.95
C ASN C 134 -13.28 -5.31 12.27
N ILE C 135 -12.58 -6.12 13.07
CA ILE C 135 -13.14 -7.35 13.64
C ILE C 135 -14.31 -7.00 14.54
N CYS C 136 -15.51 -7.46 14.14
CA CYS C 136 -16.72 -7.15 14.86
C CYS C 136 -17.12 -8.36 15.72
N GLU C 137 -16.95 -9.55 15.14
CA GLU C 137 -17.31 -10.78 15.82
C GLU C 137 -16.25 -11.84 15.55
N ILE C 138 -16.11 -12.79 16.51
CA ILE C 138 -15.38 -14.04 16.34
C ILE C 138 -16.32 -15.18 16.74
N ASN C 139 -16.51 -16.13 15.81
CA ASN C 139 -17.46 -17.23 15.94
C ASN C 139 -18.78 -16.73 16.47
N GLY C 140 -19.27 -15.63 15.88
CA GLY C 140 -20.58 -15.11 16.25
C GLY C 140 -20.55 -14.28 17.53
N GLN C 141 -19.39 -14.19 18.18
CA GLN C 141 -19.32 -13.45 19.42
C GLN C 141 -18.70 -12.09 19.14
N ASN C 142 -19.49 -11.05 19.41
CA ASN C 142 -19.05 -9.66 19.40
C ASN C 142 -17.85 -9.42 20.32
N VAL C 143 -16.75 -8.89 19.74
CA VAL C 143 -15.57 -8.53 20.51
C VAL C 143 -15.34 -7.01 20.48
N ILE C 144 -16.41 -6.22 20.40
CA ILE C 144 -16.25 -4.80 20.16
C ILE C 144 -16.04 -4.07 21.50
N GLY C 145 -14.79 -3.58 21.67
CA GLY C 145 -14.28 -3.10 22.94
C GLY C 145 -12.99 -3.84 23.35
N LEU C 146 -13.00 -5.16 23.23
CA LEU C 146 -11.98 -6.01 23.82
C LEU C 146 -10.61 -5.64 23.26
N LYS C 147 -9.56 -5.80 24.06
CA LYS C 147 -8.22 -5.35 23.72
C LYS C 147 -7.53 -6.32 22.78
N ASP C 148 -6.50 -5.85 22.07
CA ASP C 148 -5.84 -6.76 21.15
C ASP C 148 -5.52 -8.06 21.88
N SER C 149 -5.53 -8.01 23.23
CA SER C 149 -5.27 -9.16 24.09
C SER C 149 -6.54 -9.98 24.37
N GLN C 150 -7.68 -9.34 24.66
CA GLN C 150 -8.93 -10.08 24.87
C GLN C 150 -9.35 -10.74 23.55
N ILE C 151 -9.42 -9.94 22.49
CA ILE C 151 -9.68 -10.45 21.15
C ILE C 151 -8.76 -11.62 20.88
N ALA C 152 -7.46 -11.44 21.11
CA ALA C 152 -6.46 -12.42 20.73
C ALA C 152 -6.57 -13.69 21.56
N ASP C 153 -7.05 -13.57 22.80
CA ASP C 153 -7.21 -14.74 23.66
C ASP C 153 -8.15 -15.74 23.00
N ILE C 154 -9.22 -15.17 22.42
CA ILE C 154 -10.28 -15.91 21.76
C ILE C 154 -9.75 -16.59 20.51
N LEU C 155 -8.94 -15.87 19.74
CA LEU C 155 -8.38 -16.41 18.52
C LEU C 155 -7.51 -17.62 18.89
N SER C 156 -6.93 -17.56 20.09
CA SER C 156 -6.13 -18.65 20.62
C SER C 156 -7.03 -19.80 21.05
N THR C 157 -8.10 -19.49 21.80
CA THR C 157 -8.95 -20.49 22.42
C THR C 157 -10.14 -20.86 21.52
N SER C 158 -10.09 -20.52 20.23
CA SER C 158 -11.02 -21.07 19.27
C SER C 158 -10.41 -22.33 18.69
N GLY C 159 -11.01 -22.89 17.64
CA GLY C 159 -10.61 -24.18 17.10
C GLY C 159 -9.81 -24.03 15.82
N THR C 160 -9.73 -25.11 15.04
CA THR C 160 -9.13 -25.06 13.71
C THR C 160 -9.89 -23.99 12.92
N VAL C 161 -11.19 -24.20 12.80
CA VAL C 161 -12.07 -23.31 12.06
C VAL C 161 -12.41 -22.10 12.94
N VAL C 162 -12.06 -20.90 12.45
CA VAL C 162 -12.40 -19.64 13.10
C VAL C 162 -13.17 -18.80 12.10
N THR C 163 -14.30 -18.25 12.51
CA THR C 163 -15.07 -17.34 11.69
C THR C 163 -14.91 -15.92 12.25
N ILE C 164 -14.56 -14.98 11.38
CA ILE C 164 -14.40 -13.59 11.81
C ILE C 164 -15.42 -12.78 11.01
N THR C 165 -16.15 -11.90 11.69
CA THR C 165 -17.08 -11.00 11.02
C THR C 165 -16.42 -9.63 10.97
N ILE C 166 -16.05 -9.17 9.77
CA ILE C 166 -15.26 -7.95 9.56
C ILE C 166 -16.10 -6.88 8.86
N MET C 167 -15.81 -5.61 9.17
CA MET C 167 -16.55 -4.46 8.66
C MET C 167 -15.56 -3.40 8.19
N PRO C 168 -15.76 -2.77 7.00
CA PRO C 168 -14.82 -1.76 6.51
C PRO C 168 -14.63 -0.68 7.57
N ALA C 169 -13.37 -0.41 7.85
CA ALA C 169 -12.92 0.49 8.89
C ALA C 169 -13.67 1.82 8.85
N PHE C 170 -13.78 2.41 7.65
N PHE C 170 -13.77 2.43 7.66
CA PHE C 170 -14.35 3.73 7.50
CA PHE C 170 -14.35 3.76 7.52
C PHE C 170 -15.80 3.73 7.96
C PHE C 170 -15.81 3.72 7.98
N ILE C 171 -16.47 2.58 7.77
CA ILE C 171 -17.86 2.42 8.15
C ILE C 171 -17.94 2.22 9.66
N PHE C 172 -17.01 1.44 10.20
CA PHE C 172 -16.97 1.13 11.63
C PHE C 172 -16.69 2.40 12.45
N GLU C 173 -15.61 3.10 12.08
CA GLU C 173 -15.31 4.38 12.71
C GLU C 173 -16.53 5.30 12.63
N HIS C 174 -17.36 5.20 11.59
CA HIS C 174 -18.52 6.05 11.46
C HIS C 174 -19.61 5.61 12.41
N ILE C 175 -19.84 4.30 12.49
CA ILE C 175 -20.92 3.81 13.33
C ILE C 175 -20.68 4.18 14.80
N ILE C 176 -19.43 4.17 15.26
CA ILE C 176 -19.12 4.27 16.68
C ILE C 176 -18.86 5.73 17.10
N LYS C 177 -18.71 6.63 16.11
CA LYS C 177 -18.77 8.07 16.38
C LYS C 177 -20.04 8.31 17.19
N ARG C 178 -20.03 9.39 18.00
CA ARG C 178 -21.11 9.76 18.90
C ARG C 178 -21.19 8.79 20.08
N MET C 179 -20.07 8.12 20.39
CA MET C 179 -20.06 7.20 21.53
C MET C 179 -18.62 6.98 22.00
N ALA C 180 -18.44 7.03 23.34
CA ALA C 180 -17.14 7.20 23.96
C ALA C 180 -16.46 5.84 24.14
N PRO C 181 -15.18 5.66 23.74
CA PRO C 181 -14.50 4.38 23.88
C PRO C 181 -14.61 3.69 25.25
N SER C 182 -14.70 4.48 26.31
CA SER C 182 -14.94 3.95 27.65
C SER C 182 -16.34 3.31 27.73
N ILE C 183 -17.34 4.00 27.16
CA ILE C 183 -18.73 3.61 27.32
C ILE C 183 -19.03 2.40 26.43
N MET C 184 -18.38 2.34 25.28
CA MET C 184 -18.65 1.27 24.33
C MET C 184 -18.13 -0.02 24.93
N LYS C 185 -16.87 0.01 25.41
CA LYS C 185 -16.24 -1.17 25.95
C LYS C 185 -17.00 -1.68 27.17
N SER C 186 -17.98 -0.91 27.65
CA SER C 186 -18.53 -1.09 28.98
C SER C 186 -19.93 -1.70 28.97
N LEU C 187 -20.78 -1.25 28.04
CA LEU C 187 -22.18 -1.67 28.00
C LEU C 187 -22.41 -2.66 26.87
N MET C 188 -21.40 -2.88 26.02
CA MET C 188 -21.62 -3.53 24.74
C MET C 188 -21.76 -5.04 24.93
N ASP C 189 -22.99 -5.55 24.76
CA ASP C 189 -23.29 -6.96 24.82
C ASP C 189 -22.15 -7.76 24.20
N HIS C 190 -21.59 -8.72 24.96
CA HIS C 190 -20.59 -9.66 24.49
C HIS C 190 -21.02 -11.09 24.78
N THR C 191 -22.33 -11.28 24.96
CA THR C 191 -22.96 -12.58 25.21
C THR C 191 -22.41 -13.67 24.30
N ILE C 192 -22.51 -14.91 24.78
CA ILE C 192 -22.50 -16.08 23.91
C ILE C 192 -23.89 -16.70 24.08
N PRO C 193 -24.85 -16.39 23.19
CA PRO C 193 -26.26 -16.73 23.47
C PRO C 193 -26.53 -18.23 23.45
N GLU C 194 -25.99 -18.94 22.44
CA GLU C 194 -26.22 -20.37 22.33
C GLU C 194 -24.88 -21.06 22.13
N VAL C 195 -24.89 -22.36 22.39
CA VAL C 195 -23.70 -23.17 22.32
C VAL C 195 -24.09 -24.44 21.56
N ILE D 5 25.65 -9.21 30.75
CA ILE D 5 26.70 -8.29 31.30
C ILE D 5 27.54 -9.05 32.32
N LYS D 6 28.79 -9.38 31.93
CA LYS D 6 29.71 -10.13 32.76
C LYS D 6 30.27 -9.23 33.87
N GLN D 7 30.14 -9.68 35.12
CA GLN D 7 30.83 -9.03 36.22
C GLN D 7 32.28 -9.49 36.19
N GLY D 8 33.19 -8.57 36.54
CA GLY D 8 34.61 -8.81 36.41
C GLY D 8 35.20 -8.12 35.18
N ILE D 9 36.52 -8.30 35.04
CA ILE D 9 37.36 -7.56 34.12
C ILE D 9 37.87 -8.53 33.05
N ARG D 10 37.95 -8.07 31.79
CA ARG D 10 38.50 -8.86 30.69
C ARG D 10 39.64 -8.10 29.99
N GLU D 11 40.74 -8.80 29.67
CA GLU D 11 41.82 -8.22 28.88
C GLU D 11 41.44 -8.30 27.40
N VAL D 12 41.57 -7.17 26.67
CA VAL D 12 41.42 -7.24 25.22
C VAL D 12 42.73 -6.78 24.56
N ILE D 13 42.99 -7.38 23.38
CA ILE D 13 44.23 -7.22 22.64
C ILE D 13 43.85 -7.04 21.17
N LEU D 14 44.22 -5.90 20.59
CA LEU D 14 43.84 -5.66 19.22
C LEU D 14 44.97 -4.92 18.51
N CYS D 15 44.79 -4.77 17.20
CA CYS D 15 45.70 -4.01 16.35
C CYS D 15 44.93 -2.88 15.68
N LYS D 16 45.70 -1.85 15.30
CA LYS D 16 45.19 -0.73 14.55
C LYS D 16 44.87 -1.22 13.14
N ASP D 17 44.00 -0.51 12.43
CA ASP D 17 43.77 -0.83 11.02
C ASP D 17 44.66 0.03 10.14
N GLN D 18 44.52 -0.08 8.80
CA GLN D 18 45.41 0.56 7.84
C GLN D 18 45.41 2.09 7.96
N ASP D 19 44.38 2.71 8.53
CA ASP D 19 44.34 4.16 8.68
C ASP D 19 44.96 4.59 10.01
N GLY D 20 45.39 3.58 10.80
CA GLY D 20 45.97 3.77 12.11
C GLY D 20 44.89 3.92 13.18
N LYS D 21 43.69 3.37 12.89
CA LYS D 21 42.56 3.54 13.79
C LYS D 21 42.31 2.24 14.55
N ILE D 22 41.65 2.36 15.69
CA ILE D 22 41.20 1.23 16.49
C ILE D 22 39.66 1.18 16.45
N GLY D 23 39.01 2.36 16.36
CA GLY D 23 37.58 2.47 16.09
C GLY D 23 36.75 2.75 17.33
N LEU D 24 37.17 3.77 18.12
CA LEU D 24 36.64 4.07 19.44
C LEU D 24 36.49 5.58 19.59
N ARG D 25 35.51 5.99 20.39
CA ARG D 25 35.64 7.26 21.06
C ARG D 25 35.41 7.03 22.55
N LEU D 26 36.07 7.85 23.35
CA LEU D 26 36.03 7.66 24.78
C LEU D 26 35.44 8.93 25.37
N LYS D 27 34.88 8.80 26.59
CA LYS D 27 34.45 10.00 27.28
C LYS D 27 34.92 9.90 28.72
N SER D 28 35.31 11.08 29.28
CA SER D 28 35.63 11.22 30.70
C SER D 28 34.34 11.37 31.47
N ILE D 29 34.03 10.40 32.35
CA ILE D 29 32.90 10.49 33.26
C ILE D 29 33.30 10.04 34.65
N ASP D 30 33.04 10.88 35.66
CA ASP D 30 33.35 10.52 37.03
C ASP D 30 34.81 10.06 37.15
N ASN D 31 35.72 10.66 36.36
CA ASN D 31 37.15 10.35 36.36
C ASN D 31 37.44 8.93 35.93
N GLY D 32 36.42 8.28 35.36
CA GLY D 32 36.65 7.06 34.62
C GLY D 32 36.85 7.36 33.14
N ILE D 33 37.25 6.32 32.41
CA ILE D 33 37.14 6.34 30.96
C ILE D 33 36.19 5.23 30.53
N PHE D 34 35.35 5.63 29.58
CA PHE D 34 34.17 4.86 29.19
C PHE D 34 34.02 4.94 27.68
N VAL D 35 33.50 3.86 27.07
CA VAL D 35 33.38 3.92 25.62
C VAL D 35 32.10 4.65 25.21
N GLN D 36 32.29 5.75 24.45
CA GLN D 36 31.16 6.49 23.91
C GLN D 36 30.75 5.93 22.53
N LEU D 37 31.68 5.30 21.78
CA LEU D 37 31.31 4.81 20.45
C LEU D 37 32.16 3.61 20.10
N VAL D 38 31.54 2.55 19.53
CA VAL D 38 32.27 1.46 18.87
C VAL D 38 31.97 1.60 17.38
N GLN D 39 33.00 1.72 16.54
CA GLN D 39 32.77 1.83 15.10
C GLN D 39 32.45 0.46 14.50
N ALA D 40 31.42 0.47 13.64
CA ALA D 40 31.13 -0.68 12.81
C ALA D 40 32.38 -0.96 11.99
N ASN D 41 32.66 -2.25 11.79
CA ASN D 41 33.76 -2.71 10.93
C ASN D 41 35.10 -2.61 11.67
N SER D 42 35.19 -1.86 12.79
CA SER D 42 36.46 -1.51 13.42
C SER D 42 37.11 -2.69 14.15
N PRO D 43 38.44 -2.62 14.39
CA PRO D 43 39.13 -3.65 15.17
C PRO D 43 38.56 -3.73 16.60
N ALA D 44 38.21 -2.58 17.17
CA ALA D 44 37.52 -2.55 18.46
C ALA D 44 36.28 -3.43 18.41
N SER D 45 35.42 -3.21 17.40
CA SER D 45 34.21 -4.03 17.29
C SER D 45 34.59 -5.50 17.13
N LEU D 46 35.45 -5.82 16.15
CA LEU D 46 35.86 -7.20 15.91
C LEU D 46 36.32 -7.92 17.19
N VAL D 47 37.02 -7.26 18.13
CA VAL D 47 37.46 -7.91 19.38
C VAL D 47 36.38 -7.84 20.47
N GLY D 48 35.23 -7.18 20.23
CA GLY D 48 34.11 -7.30 21.15
C GLY D 48 34.03 -6.17 22.16
N LEU D 49 34.55 -5.00 21.81
CA LEU D 49 34.27 -3.85 22.65
C LEU D 49 32.83 -3.40 22.40
N ARG D 50 32.27 -2.76 23.44
CA ARG D 50 30.90 -2.28 23.47
C ARG D 50 30.82 -0.89 24.12
N PHE D 51 29.87 -0.11 23.60
CA PHE D 51 29.45 1.15 24.18
C PHE D 51 29.13 0.97 25.67
N GLY D 52 29.74 1.89 26.47
CA GLY D 52 29.56 1.99 27.92
C GLY D 52 30.47 1.06 28.73
N ASP D 53 31.43 0.45 28.01
CA ASP D 53 32.48 -0.30 28.69
C ASP D 53 33.42 0.72 29.28
N GLN D 54 33.91 0.37 30.47
CA GLN D 54 34.99 1.10 31.10
C GLN D 54 36.32 0.46 30.68
N VAL D 55 37.32 1.35 30.51
CA VAL D 55 38.70 1.06 30.12
C VAL D 55 39.59 1.30 31.32
N LEU D 56 39.92 0.26 32.05
CA LEU D 56 40.66 0.43 33.28
C LEU D 56 42.09 0.84 32.94
N GLN D 57 42.79 -0.04 32.22
CA GLN D 57 44.15 0.21 31.79
C GLN D 57 44.21 0.28 30.27
N ILE D 58 45.11 1.12 29.76
CA ILE D 58 45.64 1.03 28.40
C ILE D 58 47.16 0.82 28.48
N ASN D 59 47.57 -0.29 27.84
CA ASN D 59 48.95 -0.74 27.77
C ASN D 59 49.55 -0.74 29.17
N GLY D 60 48.74 -1.17 30.14
CA GLY D 60 49.19 -1.38 31.51
C GLY D 60 49.04 -0.12 32.36
N GLU D 61 48.82 1.04 31.69
CA GLU D 61 48.71 2.33 32.35
C GLU D 61 47.26 2.69 32.74
N ASN D 62 46.95 2.65 34.05
CA ASN D 62 45.65 3.04 34.59
C ASN D 62 45.15 4.35 33.97
N CYS D 63 43.95 4.37 33.37
CA CYS D 63 43.38 5.60 32.77
C CYS D 63 42.62 6.46 33.79
N ALA D 64 42.79 6.18 35.08
CA ALA D 64 41.99 6.80 36.11
C ALA D 64 42.19 8.32 36.09
N GLY D 65 41.09 9.04 35.81
CA GLY D 65 41.06 10.48 35.89
C GLY D 65 41.69 11.16 34.68
N TRP D 66 42.05 10.38 33.65
CA TRP D 66 42.43 11.01 32.38
C TRP D 66 41.23 11.73 31.84
N SER D 67 41.46 12.85 31.17
CA SER D 67 40.42 13.42 30.33
C SER D 67 40.30 12.55 29.08
N SER D 68 39.36 12.93 28.22
CA SER D 68 39.11 12.25 26.96
C SER D 68 40.24 12.55 25.97
N ASP D 69 40.83 13.75 26.01
CA ASP D 69 42.01 14.05 25.19
C ASP D 69 43.18 13.15 25.60
N LYS D 70 43.60 13.21 26.86
CA LYS D 70 44.72 12.38 27.24
C LYS D 70 44.46 10.91 26.86
N ALA D 71 43.21 10.42 27.00
CA ALA D 71 42.93 9.02 26.68
C ALA D 71 43.01 8.78 25.18
N HIS D 72 42.55 9.76 24.39
CA HIS D 72 42.67 9.72 22.94
C HIS D 72 44.17 9.69 22.56
N LYS D 73 44.96 10.63 23.08
CA LYS D 73 46.31 10.74 22.57
C LYS D 73 47.05 9.45 22.89
N VAL D 74 46.98 8.96 24.12
CA VAL D 74 47.66 7.72 24.45
C VAL D 74 47.32 6.65 23.41
N LEU D 75 46.07 6.57 22.91
CA LEU D 75 45.70 5.58 21.88
C LEU D 75 46.20 6.01 20.51
N LYS D 76 46.01 7.29 20.19
CA LYS D 76 46.43 7.77 18.89
C LYS D 76 47.96 7.55 18.76
N GLN D 77 48.76 8.12 19.69
CA GLN D 77 50.21 8.08 19.59
C GLN D 77 50.77 6.79 20.20
N ALA D 78 50.33 5.63 19.70
CA ALA D 78 50.86 4.34 20.10
C ALA D 78 51.29 3.59 18.84
N PHE D 79 52.10 2.54 19.03
CA PHE D 79 52.64 1.75 17.93
C PHE D 79 51.56 0.82 17.38
N GLY D 80 51.63 0.56 16.07
CA GLY D 80 50.54 -0.02 15.30
C GLY D 80 50.07 -1.38 15.83
N GLU D 81 51.02 -2.17 16.35
CA GLU D 81 50.76 -3.57 16.70
C GLU D 81 49.87 -3.63 17.94
N LYS D 82 50.35 -4.25 19.02
CA LYS D 82 49.48 -4.75 20.09
C LYS D 82 49.14 -3.65 21.10
N ILE D 83 47.84 -3.33 21.15
CA ILE D 83 47.25 -2.51 22.20
C ILE D 83 46.55 -3.45 23.19
N THR D 84 46.85 -3.32 24.47
CA THR D 84 46.14 -4.06 25.49
C THR D 84 45.27 -3.07 26.28
N MET D 85 43.98 -3.38 26.32
CA MET D 85 43.00 -2.61 27.08
C MET D 85 42.38 -3.57 28.08
N THR D 86 42.35 -3.15 29.35
CA THR D 86 41.71 -3.92 30.41
C THR D 86 40.30 -3.36 30.59
N ILE D 87 39.25 -4.21 30.60
CA ILE D 87 37.86 -3.73 30.53
C ILE D 87 36.98 -4.26 31.68
N ARG D 88 36.16 -3.34 32.20
CA ARG D 88 34.90 -3.66 32.88
C ARG D 88 33.77 -3.54 31.88
N ASP D 89 33.03 -4.66 31.75
CA ASP D 89 31.82 -4.78 30.97
C ASP D 89 30.72 -3.84 31.46
N ARG D 90 30.35 -2.90 30.58
CA ARG D 90 29.10 -2.17 30.67
C ARG D 90 28.61 -1.95 32.11
N PRO D 91 29.34 -1.15 32.91
CA PRO D 91 29.06 -1.01 34.34
C PRO D 91 27.83 -0.16 34.69
N PHE D 92 27.52 0.83 33.84
CA PHE D 92 26.38 1.74 33.94
C PHE D 92 25.10 1.22 33.27
N GLU D 93 25.06 -0.05 32.84
CA GLU D 93 23.97 -0.63 32.05
C GLU D 93 23.46 -1.87 32.77
N ARG D 94 22.20 -2.27 32.46
CA ARG D 94 21.56 -3.42 33.09
C ARG D 94 20.73 -4.16 32.05
N THR D 95 20.59 -5.50 32.20
CA THR D 95 19.72 -6.19 31.26
C THR D 95 18.44 -6.62 31.97
N ILE D 96 17.34 -6.54 31.21
CA ILE D 96 16.00 -6.86 31.68
C ILE D 96 15.43 -7.90 30.71
N THR D 97 15.17 -9.14 31.18
CA THR D 97 14.60 -10.20 30.35
C THR D 97 13.06 -10.23 30.50
N MET D 98 12.39 -10.32 29.34
CA MET D 98 10.95 -10.13 29.17
C MET D 98 10.39 -11.20 28.21
N HIS D 99 9.07 -11.40 28.26
CA HIS D 99 8.42 -12.34 27.35
C HIS D 99 7.25 -11.63 26.68
N LYS D 100 7.25 -11.71 25.34
CA LYS D 100 6.30 -11.01 24.50
C LYS D 100 4.88 -11.55 24.79
N ASP D 101 3.88 -10.67 24.72
CA ASP D 101 2.50 -11.07 24.97
C ASP D 101 1.94 -11.69 23.68
N SER D 102 0.61 -11.88 23.65
CA SER D 102 -0.07 -12.54 22.55
C SER D 102 -0.12 -11.65 21.31
N THR D 103 0.06 -10.34 21.50
CA THR D 103 0.20 -9.40 20.39
C THR D 103 1.66 -9.27 19.93
N GLY D 104 2.62 -9.86 20.67
CA GLY D 104 4.05 -9.68 20.41
C GLY D 104 4.69 -8.47 21.12
N HIS D 105 4.09 -8.04 22.25
CA HIS D 105 4.50 -6.86 23.00
C HIS D 105 4.91 -7.27 24.40
N VAL D 106 5.69 -6.40 25.04
CA VAL D 106 6.29 -6.68 26.32
C VAL D 106 5.84 -5.64 27.34
N GLY D 107 5.53 -4.42 26.87
CA GLY D 107 4.60 -3.55 27.55
C GLY D 107 5.20 -2.26 28.10
N PHE D 108 5.62 -1.36 27.20
CA PHE D 108 6.18 -0.10 27.64
C PHE D 108 6.12 0.92 26.51
N ILE D 109 6.07 2.23 26.84
CA ILE D 109 6.05 3.28 25.85
C ILE D 109 7.35 4.07 25.88
N PHE D 110 8.08 4.02 24.75
CA PHE D 110 9.42 4.60 24.69
C PHE D 110 9.52 5.72 23.64
N LYS D 111 10.26 6.78 24.02
CA LYS D 111 10.49 7.96 23.21
C LYS D 111 11.98 8.37 23.25
N ASN D 112 12.54 8.69 22.07
CA ASN D 112 13.92 9.11 21.92
C ASN D 112 14.81 8.04 22.54
N GLY D 113 14.40 6.78 22.34
CA GLY D 113 15.09 5.61 22.88
C GLY D 113 14.97 5.44 24.40
N LYS D 114 14.24 6.36 25.04
CA LYS D 114 14.17 6.47 26.50
C LYS D 114 12.80 6.06 27.05
N ILE D 115 12.74 4.99 27.85
CA ILE D 115 11.48 4.50 28.39
C ILE D 115 10.81 5.61 29.20
N THR D 116 9.49 5.76 29.01
CA THR D 116 8.69 6.88 29.51
C THR D 116 7.42 6.41 30.26
N SER D 117 6.91 5.21 29.96
CA SER D 117 5.82 4.68 30.75
C SER D 117 5.83 3.18 30.69
N ILE D 118 5.42 2.58 31.82
CA ILE D 118 5.28 1.15 31.93
C ILE D 118 3.78 0.87 31.96
N VAL D 119 3.40 -0.16 31.19
CA VAL D 119 2.04 -0.65 31.10
C VAL D 119 1.79 -1.61 32.26
N LYS D 120 0.61 -1.47 32.88
CA LYS D 120 0.18 -2.28 34.00
C LYS D 120 0.11 -3.76 33.62
N ASP D 121 0.59 -4.61 34.52
CA ASP D 121 0.51 -6.06 34.34
C ASP D 121 1.16 -6.45 33.00
N SER D 122 2.10 -5.64 32.51
CA SER D 122 2.90 -6.00 31.35
C SER D 122 4.16 -6.75 31.77
N SER D 123 4.94 -7.16 30.77
CA SER D 123 6.16 -7.92 31.01
C SER D 123 7.24 -6.98 31.53
N ALA D 124 7.23 -5.76 31.00
CA ALA D 124 7.97 -4.64 31.52
C ALA D 124 7.73 -4.48 33.02
N ALA D 125 6.45 -4.49 33.43
CA ALA D 125 6.02 -4.31 34.82
C ALA D 125 6.53 -5.47 35.66
N ARG D 126 6.18 -6.71 35.28
CA ARG D 126 6.55 -7.90 36.01
C ARG D 126 8.07 -8.03 36.22
N ASN D 127 8.84 -7.54 35.26
CA ASN D 127 10.28 -7.72 35.31
C ASN D 127 10.97 -6.44 35.80
N GLY D 128 10.21 -5.34 35.95
CA GLY D 128 10.65 -4.18 36.72
C GLY D 128 11.43 -3.16 35.92
N LEU D 129 11.08 -3.04 34.63
CA LEU D 129 11.64 -2.02 33.77
C LEU D 129 11.30 -0.66 34.38
N LEU D 130 12.15 0.34 34.12
CA LEU D 130 12.09 1.65 34.73
C LEU D 130 11.95 2.70 33.63
N THR D 131 11.48 3.89 34.04
CA THR D 131 11.42 5.06 33.17
C THR D 131 12.68 5.86 33.45
N GLU D 132 12.81 6.99 32.75
CA GLU D 132 14.02 7.78 32.72
C GLU D 132 15.25 6.88 32.48
N HIS D 133 15.15 5.82 31.63
CA HIS D 133 16.29 5.00 31.25
C HIS D 133 16.35 4.77 29.73
N ASN D 134 17.58 4.67 29.21
CA ASN D 134 17.81 4.60 27.78
C ASN D 134 18.05 3.13 27.47
N ILE D 135 17.42 2.74 26.34
CA ILE D 135 17.62 1.45 25.71
C ILE D 135 18.98 1.54 25.01
N CYS D 136 19.89 0.68 25.46
CA CYS D 136 21.24 0.60 24.84
C CYS D 136 21.36 -0.54 23.83
N GLU D 137 20.73 -1.69 24.13
CA GLU D 137 20.86 -2.87 23.31
C GLU D 137 19.57 -3.67 23.32
N ILE D 138 19.30 -4.39 22.22
CA ILE D 138 18.22 -5.37 22.15
C ILE D 138 18.87 -6.70 21.82
N ASN D 139 18.71 -7.67 22.75
CA ASN D 139 19.29 -9.00 22.61
C ASN D 139 20.80 -8.94 22.38
N GLY D 140 21.46 -8.02 23.09
CA GLY D 140 22.88 -7.80 22.92
C GLY D 140 23.23 -6.98 21.66
N GLN D 141 22.24 -6.49 20.90
CA GLN D 141 22.48 -5.63 19.73
C GLN D 141 22.33 -4.14 20.02
N ASN D 142 23.43 -3.40 19.83
CA ASN D 142 23.52 -1.95 19.91
C ASN D 142 22.46 -1.31 19.00
N VAL D 143 21.75 -0.34 19.56
CA VAL D 143 20.66 0.37 18.90
C VAL D 143 20.80 1.88 19.17
N ILE D 144 21.88 2.25 19.86
CA ILE D 144 22.08 3.62 20.26
C ILE D 144 22.20 4.46 19.00
N GLY D 145 21.24 5.40 18.81
CA GLY D 145 21.28 6.37 17.73
C GLY D 145 20.26 6.04 16.62
N LEU D 146 19.70 4.82 16.59
CA LEU D 146 18.70 4.47 15.59
C LEU D 146 17.42 5.24 15.90
N LYS D 147 16.57 5.41 14.90
CA LYS D 147 15.23 5.96 15.09
C LYS D 147 14.41 4.98 15.92
N ASP D 148 13.40 5.47 16.65
CA ASP D 148 12.57 4.62 17.52
C ASP D 148 11.93 3.50 16.70
N SER D 149 11.67 3.79 15.42
CA SER D 149 10.87 2.87 14.61
C SER D 149 11.74 1.67 14.29
N GLN D 150 13.04 1.95 14.11
CA GLN D 150 14.04 0.90 13.97
C GLN D 150 14.07 0.12 15.29
N ILE D 151 14.13 0.84 16.41
CA ILE D 151 14.17 0.13 17.68
C ILE D 151 12.87 -0.70 17.75
N ALA D 152 11.70 -0.07 17.47
CA ALA D 152 10.44 -0.79 17.42
C ALA D 152 10.64 -2.07 16.62
N ASP D 153 11.34 -1.97 15.48
CA ASP D 153 11.41 -3.08 14.55
C ASP D 153 12.38 -4.17 15.02
N ILE D 154 13.44 -3.80 15.76
CA ILE D 154 14.38 -4.78 16.33
C ILE D 154 13.70 -5.54 17.47
N LEU D 155 12.74 -4.89 18.15
CA LEU D 155 11.96 -5.57 19.17
C LEU D 155 11.08 -6.61 18.48
N SER D 156 10.53 -6.23 17.31
CA SER D 156 9.57 -7.07 16.62
C SER D 156 10.26 -8.35 16.18
N THR D 157 11.52 -8.24 15.72
CA THR D 157 12.19 -9.37 15.08
C THR D 157 12.82 -10.30 16.12
N SER D 158 12.84 -9.88 17.39
CA SER D 158 13.21 -10.74 18.48
C SER D 158 12.27 -11.94 18.56
N GLY D 159 12.80 -13.02 19.16
CA GLY D 159 11.98 -14.10 19.67
C GLY D 159 11.07 -13.67 20.82
N THR D 160 10.28 -14.64 21.31
CA THR D 160 9.41 -14.44 22.45
C THR D 160 10.20 -13.81 23.59
N VAL D 161 11.42 -14.32 23.80
CA VAL D 161 12.25 -13.81 24.88
C VAL D 161 12.94 -12.56 24.32
N VAL D 162 12.72 -11.42 24.98
CA VAL D 162 13.40 -10.17 24.63
C VAL D 162 14.20 -9.72 25.85
N THR D 163 15.52 -9.63 25.68
CA THR D 163 16.37 -9.05 26.71
C THR D 163 16.65 -7.63 26.27
N ILE D 164 16.48 -6.66 27.18
CA ILE D 164 16.93 -5.32 26.89
C ILE D 164 17.85 -4.78 27.99
N THR D 165 18.87 -4.09 27.47
CA THR D 165 19.95 -3.49 28.20
C THR D 165 19.70 -1.99 28.32
N ILE D 166 19.76 -1.53 29.58
CA ILE D 166 19.41 -0.14 29.83
C ILE D 166 20.49 0.55 30.66
N MET D 167 20.50 1.89 30.50
CA MET D 167 21.28 2.84 31.26
C MET D 167 20.40 4.01 31.72
N PRO D 168 20.50 4.47 33.01
CA PRO D 168 19.85 5.70 33.46
C PRO D 168 20.12 6.90 32.59
N ALA D 169 19.10 7.77 32.49
CA ALA D 169 19.02 8.82 31.49
C ALA D 169 20.04 9.93 31.71
N PHE D 170 20.17 10.41 32.96
N PHE D 170 20.20 10.39 32.96
CA PHE D 170 21.13 11.44 33.32
CA PHE D 170 21.12 11.46 33.26
C PHE D 170 22.54 11.00 32.92
C PHE D 170 22.56 11.02 32.99
N ILE D 171 22.83 9.70 33.01
CA ILE D 171 24.17 9.21 32.67
C ILE D 171 24.26 8.94 31.18
N PHE D 172 23.32 8.17 30.63
CA PHE D 172 23.28 8.00 29.17
C PHE D 172 23.61 9.35 28.55
N GLU D 173 22.90 10.39 28.96
CA GLU D 173 23.08 11.72 28.38
C GLU D 173 24.52 12.16 28.49
N HIS D 174 25.10 12.03 29.70
CA HIS D 174 26.43 12.54 29.92
C HIS D 174 27.42 11.83 28.99
N ILE D 175 27.25 10.49 28.82
CA ILE D 175 28.14 9.65 28.04
C ILE D 175 28.06 10.09 26.58
N ILE D 176 26.87 10.38 26.06
CA ILE D 176 26.78 10.78 24.66
C ILE D 176 27.13 12.25 24.44
N LYS D 177 27.31 13.06 25.49
CA LYS D 177 27.76 14.44 25.29
C LYS D 177 29.05 14.53 24.46
N ARG D 178 29.18 15.60 23.65
CA ARG D 178 30.31 15.82 22.75
C ARG D 178 30.45 14.63 21.80
N MET D 179 29.39 14.43 21.01
CA MET D 179 29.34 13.50 19.91
C MET D 179 28.28 14.07 18.99
N ALA D 180 28.65 14.25 17.70
CA ALA D 180 27.79 14.87 16.71
C ALA D 180 26.72 13.88 16.26
N PRO D 181 25.42 14.20 16.47
CA PRO D 181 24.33 13.30 16.13
C PRO D 181 24.68 12.30 15.02
N SER D 182 25.21 12.86 13.93
CA SER D 182 25.37 12.17 12.66
C SER D 182 26.55 11.21 12.71
N ILE D 183 27.47 11.42 13.65
CA ILE D 183 28.52 10.45 13.89
C ILE D 183 27.89 9.19 14.52
N MET D 184 27.30 9.34 15.72
CA MET D 184 26.55 8.24 16.33
C MET D 184 25.85 7.44 15.22
N LYS D 185 25.06 8.17 14.42
CA LYS D 185 24.16 7.62 13.41
C LYS D 185 24.92 6.87 12.31
N SER D 186 26.14 7.34 11.96
CA SER D 186 26.88 6.82 10.82
C SER D 186 27.98 5.81 11.19
N LEU D 187 28.63 5.94 12.36
CA LEU D 187 29.75 5.07 12.67
C LEU D 187 29.35 3.97 13.67
N MET D 188 28.20 4.12 14.36
CA MET D 188 27.94 3.24 15.49
C MET D 188 27.68 1.81 14.99
N ASP D 189 28.42 0.87 15.59
CA ASP D 189 28.29 -0.55 15.39
C ASP D 189 26.91 -1.05 15.82
N HIS D 190 26.17 -1.71 14.91
CA HIS D 190 24.84 -2.27 15.18
C HIS D 190 24.76 -3.75 14.78
N THR D 191 25.92 -4.42 14.71
CA THR D 191 26.01 -5.71 14.04
C THR D 191 25.66 -6.83 14.99
N ILE D 192 25.24 -7.96 14.41
CA ILE D 192 24.89 -9.12 15.22
C ILE D 192 25.63 -10.32 14.64
N PRO D 193 25.84 -11.36 15.48
CA PRO D 193 26.56 -12.56 15.04
C PRO D 193 25.91 -13.22 13.82
N GLU D 194 24.58 -13.42 13.80
CA GLU D 194 23.94 -13.98 12.62
C GLU D 194 22.43 -13.75 12.71
N VAL D 195 21.74 -13.93 11.58
CA VAL D 195 20.28 -13.84 11.52
C VAL D 195 19.65 -15.24 11.59
#